data_8JSP
#
_entry.id   8JSP
#
_cell.length_a   1.00
_cell.length_b   1.00
_cell.length_c   1.00
_cell.angle_alpha   90.00
_cell.angle_beta   90.00
_cell.angle_gamma   90.00
#
_symmetry.space_group_name_H-M   'P 1'
#
loop_
_entity.id
_entity.type
_entity.pdbx_description
1 polymer 'Guanine nucleotide-binding protein G(i) subunit alpha-1'
2 polymer 'Guanine nucleotide-binding protein G(I)/G(S)/G(T) subunit beta-1'
3 polymer ScFv16
4 polymer 'Guanine nucleotide-binding protein G(I)/G(S)/G(O) subunit gamma-2'
5 polymer '5-hydroxytryptamine receptor 1A'
6 non-polymer 1-[(7~{S})-5,7-dihydro-4~{H}-thieno[2,3-c]pyran-7-yl]-~{N}-methyl-methanamine
#
loop_
_entity_poly.entity_id
_entity_poly.type
_entity_poly.pdbx_seq_one_letter_code
_entity_poly.pdbx_strand_id
1 'polypeptide(L)'
;TLSAEDKAAVERSKMIDRNLREDGEKAAREVKLLLLGAGESGKNTIVKQMKIIHEAGYSEEECKQYKAVVYSNTIQSIIA
IIRAMGRLKIDFGDSARADDARQLFVLAGAAEEGFMTAELAGVIKRLWKDSGVQACFNRSREYQLNDSAAYYLNDLDRIA
QPNYIPTQQDVLRTRVKTTGIVETHFTFKDLHFKMFDVGAQRSERKKWIHCFEGVTAIIFCVALSDYDLVLAEDEEMNRM
HASMKLFDSICNNKWFTDTSIILFLNKKDLFEEKIKKSPLTICYPEYAGSNTYEEAAAYIQCQFEDLNKRKDTKEIYTHF
TCSTDTKNVQFVFDAVTDVIIKNNLKDCGLF
;
A
2 'polypeptide(L)'
;QLKNQIRDARKACADATLSQITNNIDPVGRIQMRTRRTLRGHLAKIYAMHWGTDSRLLVSASQDGKLIIWDSYTTNKVHA
IPLRSSWVMTCAYAPSGNYVACGGLDNICSIYNLKTREGNVRVSRELAGHTGYLSCCRFLDDNQIVTSSGDTTCALWDIE
TGQQTTTFTGHTGDVMSLSLAPDTRLFVSGACDASAKLWDVREGMCRQTFTGHESDINAICFFPNGNAFATGSDDATCRL
FDLRADQELMTYSHDNIICGITSVSFSKSGRLLLAGYDDFNCNVWDALKADRAGVLAGHDNRVSCLGVTDDGMAVATGSW
DSFLKIWN
;
B
3 'polypeptide(L)'
;VQLVESGGGLVQPGGSRKLSCSASGFAFSSFGMHWVRQAPEKGLEWVAYISSGSGTIYYADTVKGRFTISRDDPKNTLFL
QMTSLRSEDTAMYYCVRSIYYYGSSPFDFWGQGTTLTVSSGGGGSGGGGSGGGSSDIVMTQATSSVPVTPGESVSISCRS
SKSLLHSNGNTYLYWFLQRPGQSPQLLIYRMSNLASGVPDRFSGSGSGTAFTLTISRLEAEDVGVYYCMQHLEYPLTFGA
GTKLELKAAA
;
E
4 'polypeptide(L)' QLKMEANIDRIKVSKAAADLMAYCEAHAKEDPLLTPVPASENPFR G
5 'polypeptide(L)'
;YQVITSLLLGTLIFCAVLGNACVVAAIALERSLQNVANYLIGSLAVTDLMVSVLVLPMAALYQVLNKWTLGQVTCDLFIA
LDVLCCTSSIWHLCAIALDRYWAITDPIDYVNKRTPRRAAALISLTWLIGFLISIPPMLGWRTPEDRSDPDACTISKDHG
YTIYSTFGAFYIPLLLMLVLYGRIFRAARFRIRKTVKKVEKTGADTRHGASPAPQPKKSVNGESGSRNWRLGVESKAGGA
LCANGAVRQGDDGAALEVIEVHRVGNSKEHLPLPSEAGPTPCAPASFERKNERNAEAKRKMALARERKTVKTLGIIMGTF
ILCWLPFFIVALVLPFCESSCHMPTLLGAIINWLGYSNSLLNPVIYAYFNKDFQNAFKKII
;
R
#
loop_
_chem_comp.id
_chem_comp.type
_chem_comp.name
_chem_comp.formula
UJL non-polymer 1-[(7~{S})-5,7-dihydro-4~{H}-thieno[2,3-c]pyran-7-yl]-~{N}-methyl-methanamine 'C9 H13 N O S'
#
# COMPACT_ATOMS: atom_id res chain seq x y z
N THR A 1 4.27 27.79 -3.31
CA THR A 1 4.17 26.63 -2.44
C THR A 1 4.60 26.98 -1.02
N LEU A 2 5.10 28.19 -0.84
CA LEU A 2 5.55 28.67 0.47
C LEU A 2 4.41 29.42 1.17
N SER A 3 3.31 28.71 1.37
CA SER A 3 2.14 29.25 2.05
C SER A 3 1.66 28.26 3.09
N ALA A 4 1.01 28.77 4.14
CA ALA A 4 0.60 27.92 5.24
C ALA A 4 -0.36 26.84 4.79
N GLU A 5 -1.14 27.09 3.75
CA GLU A 5 -2.11 26.11 3.29
C GLU A 5 -1.43 24.83 2.84
N ASP A 6 -0.47 24.93 1.93
CA ASP A 6 0.13 23.70 1.41
C ASP A 6 1.12 23.09 2.40
N LYS A 7 1.73 23.90 3.26
CA LYS A 7 2.55 23.34 4.33
C LYS A 7 1.70 22.50 5.27
N ALA A 8 0.53 23.01 5.65
CA ALA A 8 -0.38 22.20 6.46
C ALA A 8 -0.84 20.96 5.70
N ALA A 9 -1.06 21.09 4.39
CA ALA A 9 -1.48 19.94 3.61
C ALA A 9 -0.44 18.84 3.63
N VAL A 10 0.83 19.19 3.42
CA VAL A 10 1.87 18.16 3.42
C VAL A 10 2.07 17.61 4.82
N GLU A 11 1.86 18.44 5.85
CA GLU A 11 1.93 17.94 7.23
C GLU A 11 0.88 16.86 7.46
N ARG A 12 -0.35 17.12 7.04
CA ARG A 12 -1.43 16.16 7.22
C ARG A 12 -1.15 14.88 6.43
N SER A 13 -0.63 15.02 5.20
CA SER A 13 -0.30 13.83 4.43
C SER A 13 0.78 13.00 5.11
N LYS A 14 1.81 13.66 5.66
CA LYS A 14 2.87 12.92 6.33
C LYS A 14 2.32 12.14 7.53
N MET A 15 1.46 12.78 8.32
CA MET A 15 0.93 12.06 9.47
C MET A 15 -0.01 10.93 9.07
N ILE A 16 -0.75 11.09 7.99
CA ILE A 16 -1.57 9.98 7.53
C ILE A 16 -0.69 8.81 7.13
N ASP A 17 0.42 9.08 6.42
CA ASP A 17 1.36 8.01 6.09
C ASP A 17 1.90 7.33 7.35
N ARG A 18 2.27 8.11 8.36
CA ARG A 18 2.85 7.51 9.56
C ARG A 18 1.84 6.62 10.28
N ASN A 19 0.59 7.09 10.42
CA ASN A 19 -0.44 6.28 11.05
C ASN A 19 -0.68 4.99 10.29
N LEU A 20 -0.74 5.07 8.96
CA LEU A 20 -0.94 3.86 8.17
C LEU A 20 0.22 2.90 8.35
N ARG A 21 1.45 3.42 8.40
CA ARG A 21 2.61 2.54 8.57
C ARG A 21 2.55 1.81 9.91
N GLU A 22 2.20 2.53 10.97
CA GLU A 22 2.11 1.89 12.28
C GLU A 22 1.06 0.80 12.27
N ASP A 23 -0.11 1.07 11.67
CA ASP A 23 -1.15 0.05 11.63
C ASP A 23 -0.72 -1.17 10.83
N GLY A 24 -0.06 -0.95 9.69
CA GLY A 24 0.39 -2.06 8.88
C GLY A 24 1.43 -2.90 9.59
N GLU A 25 2.27 -2.27 10.41
CA GLU A 25 3.20 -3.03 11.25
C GLU A 25 2.46 -3.85 12.29
N LYS A 26 1.44 -3.25 12.92
CA LYS A 26 0.71 -3.95 13.98
C LYS A 26 0.00 -5.18 13.44
N ALA A 27 -0.59 -5.10 12.26
CA ALA A 27 -1.41 -6.20 11.77
C ALA A 27 -0.61 -7.25 11.00
N ALA A 28 0.69 -7.38 11.25
CA ALA A 28 1.51 -8.40 10.60
C ALA A 28 2.06 -9.44 11.56
N ARG A 29 2.01 -9.17 12.87
CA ARG A 29 2.48 -10.11 13.89
C ARG A 29 1.34 -11.04 14.29
N GLU A 30 0.85 -11.76 13.30
CA GLU A 30 -0.41 -12.48 13.41
C GLU A 30 -0.47 -13.56 12.35
N VAL A 31 -1.00 -14.72 12.70
CA VAL A 31 -1.03 -15.87 11.81
C VAL A 31 -2.47 -16.09 11.34
N LYS A 32 -2.67 -16.10 10.04
CA LYS A 32 -4.00 -16.17 9.46
C LYS A 32 -4.28 -17.57 8.95
N LEU A 33 -5.44 -18.13 9.32
CA LEU A 33 -5.81 -19.49 9.00
C LEU A 33 -7.13 -19.51 8.24
N LEU A 34 -7.18 -20.26 7.15
CA LEU A 34 -8.38 -20.40 6.34
C LEU A 34 -9.06 -21.70 6.71
N LEU A 35 -10.16 -21.62 7.46
CA LEU A 35 -10.85 -22.80 7.93
C LEU A 35 -11.90 -23.20 6.89
N LEU A 36 -11.64 -24.28 6.16
CA LEU A 36 -12.41 -24.61 4.99
C LEU A 36 -12.91 -26.06 5.10
N GLY A 37 -14.09 -26.30 4.55
CA GLY A 37 -14.62 -27.66 4.56
C GLY A 37 -16.09 -27.66 4.21
N ALA A 38 -16.66 -28.86 4.20
CA ALA A 38 -18.06 -29.03 3.87
C ALA A 38 -18.94 -28.54 5.02
N GLY A 39 -20.23 -28.38 4.73
CA GLY A 39 -21.13 -27.74 5.70
C GLY A 39 -21.36 -28.57 6.94
N GLU A 40 -21.58 -29.87 6.78
CA GLU A 40 -21.94 -30.72 7.91
C GLU A 40 -20.83 -31.72 8.21
N SER A 41 -19.58 -31.26 8.12
CA SER A 41 -18.42 -32.08 8.45
C SER A 41 -18.00 -31.92 9.90
N GLY A 42 -18.74 -31.17 10.70
CA GLY A 42 -18.37 -30.95 12.08
C GLY A 42 -17.58 -29.69 12.33
N LYS A 43 -17.82 -28.64 11.56
CA LYS A 43 -17.07 -27.40 11.73
C LYS A 43 -17.32 -26.76 13.08
N ASN A 44 -18.58 -26.78 13.52
CA ASN A 44 -18.96 -26.04 14.73
C ASN A 44 -18.26 -26.58 15.97
N THR A 45 -18.21 -27.91 16.09
CA THR A 45 -17.50 -28.51 17.22
C THR A 45 -16.04 -28.11 17.21
N ILE A 46 -15.43 -28.09 16.01
CA ILE A 46 -14.06 -27.61 15.85
C ILE A 46 -13.97 -26.20 16.40
N VAL A 47 -14.96 -25.37 16.09
CA VAL A 47 -14.95 -23.97 16.52
C VAL A 47 -14.93 -23.89 18.04
N LYS A 48 -15.83 -24.62 18.70
CA LYS A 48 -15.84 -24.57 20.17
C LYS A 48 -14.53 -25.06 20.76
N GLN A 49 -14.06 -26.25 20.36
CA GLN A 49 -12.88 -26.79 21.03
C GLN A 49 -11.64 -25.95 20.72
N MET A 50 -11.57 -25.37 19.52
CA MET A 50 -10.45 -24.49 19.20
C MET A 50 -10.50 -23.21 20.00
N LYS A 51 -11.70 -22.67 20.21
CA LYS A 51 -11.81 -21.41 20.94
C LYS A 51 -11.28 -21.54 22.36
N ILE A 52 -11.50 -22.70 22.98
CA ILE A 52 -10.98 -22.97 24.31
C ILE A 52 -9.48 -23.25 24.25
N THR A 179 -22.69 -11.25 7.98
CA THR A 179 -23.57 -12.42 7.87
C THR A 179 -23.10 -13.34 6.75
N GLY A 180 -21.94 -13.02 6.20
CA GLY A 180 -21.31 -13.86 5.20
C GLY A 180 -20.06 -14.51 5.76
N ILE A 181 -18.89 -13.94 5.44
CA ILE A 181 -17.65 -14.46 6.01
C ILE A 181 -17.63 -14.19 7.50
N VAL A 182 -17.32 -15.23 8.27
CA VAL A 182 -17.35 -15.17 9.73
C VAL A 182 -15.92 -15.17 10.25
N GLU A 183 -15.70 -14.48 11.37
CA GLU A 183 -14.37 -14.19 11.86
C GLU A 183 -14.15 -14.90 13.19
N THR A 184 -12.89 -15.15 13.54
CA THR A 184 -12.57 -15.84 14.79
C THR A 184 -11.23 -15.38 15.32
N HIS A 185 -11.09 -15.37 16.65
CA HIS A 185 -9.92 -14.86 17.34
C HIS A 185 -9.47 -15.85 18.43
N PHE A 186 -8.17 -15.89 18.68
CA PHE A 186 -7.57 -16.82 19.62
C PHE A 186 -6.62 -16.14 20.59
N THR A 187 -6.03 -16.97 21.45
CA THR A 187 -4.82 -16.69 22.19
C THR A 187 -4.31 -17.99 22.80
N PHE A 188 -3.05 -18.31 22.55
CA PHE A 188 -2.49 -19.58 23.02
C PHE A 188 -0.97 -19.44 23.12
N LYS A 189 -0.47 -19.23 24.33
CA LYS A 189 0.97 -19.20 24.60
C LYS A 189 1.71 -18.27 23.62
N ASP A 190 1.33 -17.00 23.69
CA ASP A 190 2.01 -15.91 23.00
C ASP A 190 2.02 -16.09 21.49
N LEU A 191 0.98 -16.69 20.93
CA LEU A 191 0.85 -16.78 19.48
C LEU A 191 -0.61 -16.49 19.11
N HIS A 192 -0.80 -15.63 18.11
CA HIS A 192 -2.12 -15.16 17.71
C HIS A 192 -2.52 -15.78 16.38
N PHE A 193 -3.69 -16.39 16.34
CA PHE A 193 -4.25 -16.97 15.12
C PHE A 193 -5.41 -16.13 14.64
N LYS A 194 -5.92 -16.49 13.47
CA LYS A 194 -7.12 -15.87 12.91
C LYS A 194 -7.76 -16.86 11.96
N MET A 195 -8.96 -17.33 12.28
CA MET A 195 -9.66 -18.31 11.46
C MET A 195 -10.87 -17.70 10.81
N PHE A 196 -10.96 -17.86 9.48
CA PHE A 196 -12.11 -17.41 8.69
C PHE A 196 -12.97 -18.61 8.35
N ASP A 197 -14.25 -18.36 8.12
CA ASP A 197 -15.19 -19.40 7.71
C ASP A 197 -15.83 -18.98 6.38
N VAL A 198 -15.55 -19.72 5.33
CA VAL A 198 -15.94 -19.34 3.98
C VAL A 198 -17.07 -20.22 3.44
N GLY A 199 -17.74 -20.96 4.30
CA GLY A 199 -18.80 -21.83 3.82
C GLY A 199 -20.20 -21.27 3.93
N ALA A 200 -20.37 -20.15 4.65
CA ALA A 200 -21.71 -19.63 4.89
C ALA A 200 -22.37 -19.16 3.60
N GLN A 201 -21.61 -18.53 2.72
CA GLN A 201 -22.14 -17.95 1.49
C GLN A 201 -21.81 -18.84 0.30
N ARG A 202 -22.72 -18.88 -0.67
CA ARG A 202 -22.55 -19.67 -1.87
C ARG A 202 -22.44 -18.72 -3.05
N SER A 203 -21.31 -18.75 -3.73
CA SER A 203 -21.03 -17.84 -4.83
C SER A 203 -20.00 -18.50 -5.73
N GLU A 204 -19.52 -17.75 -6.72
CA GLU A 204 -18.45 -18.22 -7.59
C GLU A 204 -17.15 -18.21 -6.81
N ARG A 205 -16.69 -19.38 -6.37
CA ARG A 205 -15.51 -19.44 -5.52
C ARG A 205 -14.27 -18.90 -6.22
N LYS A 206 -14.25 -18.95 -7.55
CA LYS A 206 -13.06 -18.57 -8.30
C LYS A 206 -12.77 -17.08 -8.26
N LYS A 207 -13.67 -16.27 -7.74
CA LYS A 207 -13.54 -14.81 -7.81
C LYS A 207 -13.39 -14.15 -6.46
N TRP A 208 -13.23 -14.90 -5.38
CA TRP A 208 -12.91 -14.31 -4.09
C TRP A 208 -11.86 -15.11 -3.34
N ILE A 209 -11.16 -16.02 -4.00
CA ILE A 209 -10.17 -16.85 -3.30
C ILE A 209 -8.82 -16.15 -3.22
N HIS A 210 -8.50 -15.29 -4.19
CA HIS A 210 -7.20 -14.64 -4.18
C HIS A 210 -7.01 -13.67 -3.04
N CYS A 211 -8.09 -13.26 -2.36
CA CYS A 211 -7.91 -12.40 -1.20
C CYS A 211 -7.14 -13.09 -0.10
N PHE A 212 -7.05 -14.42 -0.14
CA PHE A 212 -6.52 -15.23 0.94
C PHE A 212 -5.07 -15.64 0.72
N GLU A 213 -4.30 -14.89 -0.05
CA GLU A 213 -2.89 -15.23 -0.20
C GLU A 213 -2.11 -14.83 1.05
N GLY A 214 -1.07 -15.60 1.34
CA GLY A 214 -0.26 -15.34 2.50
C GLY A 214 -0.75 -15.98 3.77
N VAL A 215 -1.80 -16.78 3.71
CA VAL A 215 -2.23 -17.53 4.89
C VAL A 215 -1.24 -18.64 5.16
N THR A 216 -0.97 -18.88 6.44
CA THR A 216 0.05 -19.87 6.79
C THR A 216 -0.42 -21.29 6.50
N ALA A 217 -1.64 -21.62 6.92
CA ALA A 217 -2.12 -23.00 6.80
C ALA A 217 -3.62 -23.03 6.54
N ILE A 218 -4.07 -24.16 5.99
CA ILE A 218 -5.46 -24.41 5.63
C ILE A 218 -5.96 -25.56 6.49
N ILE A 219 -7.06 -25.35 7.20
CA ILE A 219 -7.63 -26.37 8.08
C ILE A 219 -8.81 -26.99 7.35
N PHE A 220 -8.65 -28.24 6.95
CA PHE A 220 -9.71 -28.96 6.27
C PHE A 220 -10.39 -29.91 7.24
N CYS A 221 -11.68 -29.71 7.47
CA CYS A 221 -12.42 -30.50 8.45
C CYS A 221 -13.30 -31.51 7.73
N VAL A 222 -13.20 -32.76 8.15
CA VAL A 222 -13.95 -33.85 7.52
C VAL A 222 -14.57 -34.69 8.62
N ALA A 223 -15.81 -35.11 8.41
CA ALA A 223 -16.50 -36.01 9.32
C ALA A 223 -16.39 -37.43 8.80
N LEU A 224 -15.99 -38.35 9.66
CA LEU A 224 -15.76 -39.72 9.25
C LEU A 224 -17.04 -40.52 9.11
N SER A 225 -18.04 -40.24 9.94
CA SER A 225 -19.24 -41.07 9.98
C SER A 225 -20.00 -41.02 8.66
N ASP A 226 -19.85 -39.94 7.91
CA ASP A 226 -20.67 -39.71 6.73
C ASP A 226 -20.21 -40.46 5.50
N TYR A 227 -19.35 -41.48 5.61
CA TYR A 227 -18.91 -42.18 4.41
C TYR A 227 -20.08 -42.85 3.72
N ASP A 228 -21.06 -43.31 4.50
CA ASP A 228 -22.26 -43.97 3.99
C ASP A 228 -23.48 -43.18 4.46
N LEU A 229 -23.83 -42.12 3.73
CA LEU A 229 -25.03 -41.35 4.00
C LEU A 229 -25.72 -40.99 2.69
N ARG A 239 -20.96 -38.92 -0.56
CA ARG A 239 -20.76 -37.65 0.13
C ARG A 239 -19.28 -37.42 0.43
N MET A 240 -18.64 -38.39 1.06
CA MET A 240 -17.20 -38.30 1.29
C MET A 240 -16.45 -38.26 -0.04
N HIS A 241 -17.06 -38.82 -1.09
CA HIS A 241 -16.50 -38.66 -2.43
C HIS A 241 -16.48 -37.19 -2.84
N ALA A 242 -17.57 -36.48 -2.56
CA ALA A 242 -17.62 -35.05 -2.82
C ALA A 242 -16.56 -34.32 -2.00
N SER A 243 -16.36 -34.78 -0.76
CA SER A 243 -15.31 -34.19 0.07
C SER A 243 -13.93 -34.40 -0.56
N MET A 244 -13.71 -35.59 -1.14
CA MET A 244 -12.46 -35.85 -1.85
C MET A 244 -12.29 -34.89 -3.03
N LYS A 245 -13.34 -34.73 -3.83
CA LYS A 245 -13.25 -33.82 -4.97
C LYS A 245 -12.97 -32.40 -4.52
N LEU A 246 -13.55 -31.98 -3.40
CA LEU A 246 -13.31 -30.63 -2.89
C LEU A 246 -11.87 -30.49 -2.39
N PHE A 247 -11.37 -31.50 -1.68
CA PHE A 247 -10.01 -31.46 -1.16
C PHE A 247 -8.99 -31.33 -2.29
N ASP A 248 -9.15 -32.14 -3.33
CA ASP A 248 -8.20 -32.09 -4.44
C ASP A 248 -8.23 -30.72 -5.11
N SER A 249 -9.42 -30.16 -5.28
CA SER A 249 -9.53 -28.84 -5.90
C SER A 249 -8.88 -27.77 -5.05
N ILE A 250 -9.02 -27.84 -3.74
CA ILE A 250 -8.52 -26.75 -2.90
C ILE A 250 -7.01 -26.87 -2.71
N CYS A 251 -6.46 -28.08 -2.67
CA CYS A 251 -5.03 -28.22 -2.36
C CYS A 251 -4.15 -27.84 -3.54
N ASN A 252 -4.53 -28.26 -4.74
CA ASN A 252 -3.72 -28.05 -5.93
C ASN A 252 -4.02 -26.74 -6.62
N ASN A 253 -4.49 -25.74 -5.89
CA ASN A 253 -4.75 -24.43 -6.47
C ASN A 253 -3.46 -23.76 -6.90
N LYS A 254 -3.47 -23.08 -8.04
CA LYS A 254 -2.29 -22.36 -8.50
C LYS A 254 -1.94 -21.21 -7.57
N TRP A 255 -2.92 -20.62 -6.92
CA TRP A 255 -2.73 -19.58 -5.92
C TRP A 255 -2.38 -20.12 -4.54
N PHE A 256 -2.54 -21.41 -4.30
CA PHE A 256 -2.21 -22.00 -3.01
C PHE A 256 -1.14 -23.07 -3.18
N THR A 257 -0.14 -22.79 -4.03
CA THR A 257 0.87 -23.79 -4.35
C THR A 257 1.72 -24.14 -3.13
N ASP A 258 2.07 -23.14 -2.32
CA ASP A 258 3.08 -23.38 -1.29
C ASP A 258 2.51 -23.10 0.09
N THR A 259 1.34 -23.65 0.38
CA THR A 259 0.75 -23.57 1.71
C THR A 259 0.53 -24.98 2.25
N SER A 260 1.08 -25.25 3.42
CA SER A 260 0.91 -26.54 4.06
C SER A 260 -0.50 -26.68 4.61
N ILE A 261 -0.98 -27.93 4.68
CA ILE A 261 -2.37 -28.22 5.01
C ILE A 261 -2.45 -28.98 6.32
N ILE A 262 -3.27 -28.50 7.23
CA ILE A 262 -3.66 -29.25 8.42
C ILE A 262 -4.98 -29.94 8.11
N LEU A 263 -5.08 -31.21 8.46
CA LEU A 263 -6.31 -31.96 8.24
C LEU A 263 -6.93 -32.28 9.58
N PHE A 264 -8.21 -32.60 9.56
CA PHE A 264 -8.89 -33.07 10.76
C PHE A 264 -9.84 -34.18 10.37
N LEU A 265 -10.16 -35.06 11.33
CA LEU A 265 -11.13 -36.12 11.10
C LEU A 265 -12.00 -36.26 12.34
N ASN A 266 -13.31 -36.08 12.16
CA ASN A 266 -14.25 -35.95 13.26
C ASN A 266 -15.27 -37.08 13.25
N LYS A 267 -15.98 -37.18 14.38
CA LYS A 267 -17.02 -38.18 14.58
C LYS A 267 -16.52 -39.59 14.31
N LYS A 268 -15.43 -39.95 15.00
CA LYS A 268 -14.90 -41.30 14.88
C LYS A 268 -15.79 -42.30 15.60
N ASP A 269 -16.54 -41.84 16.60
CA ASP A 269 -17.42 -42.75 17.35
C ASP A 269 -18.48 -43.35 16.43
N LEU A 270 -19.34 -42.50 15.86
CA LEU A 270 -20.38 -42.99 14.96
C LEU A 270 -19.79 -43.76 13.80
N PHE A 271 -18.56 -43.43 13.40
CA PHE A 271 -17.84 -44.27 12.45
C PHE A 271 -17.66 -45.67 13.00
N GLU A 272 -17.29 -45.78 14.28
CA GLU A 272 -17.13 -47.10 14.90
C GLU A 272 -18.44 -47.89 14.90
N GLU A 273 -19.53 -47.25 15.34
CA GLU A 273 -20.81 -47.97 15.34
C GLU A 273 -21.22 -48.36 13.92
N LYS A 274 -21.06 -47.46 12.96
CA LYS A 274 -21.46 -47.78 11.59
C LYS A 274 -20.65 -48.93 11.01
N ILE A 275 -19.34 -48.96 11.27
CA ILE A 275 -18.52 -50.02 10.70
C ILE A 275 -18.76 -51.34 11.40
N LYS A 276 -19.05 -51.33 12.70
CA LYS A 276 -19.35 -52.62 13.32
C LYS A 276 -20.78 -53.07 13.06
N LYS A 277 -21.64 -52.18 12.56
CA LYS A 277 -22.98 -52.57 12.13
C LYS A 277 -23.05 -52.92 10.64
N SER A 278 -22.31 -52.21 9.80
CA SER A 278 -22.36 -52.40 8.35
C SER A 278 -20.94 -52.43 7.79
N PRO A 279 -20.76 -53.09 6.66
CA PRO A 279 -19.44 -53.10 6.00
C PRO A 279 -19.11 -51.74 5.42
N LEU A 280 -17.90 -51.63 4.88
CA LEU A 280 -17.39 -50.37 4.34
C LEU A 280 -17.22 -50.40 2.82
N THR A 281 -17.15 -51.58 2.21
CA THR A 281 -16.87 -51.70 0.79
C THR A 281 -17.97 -51.11 -0.09
N ILE A 282 -19.16 -50.85 0.46
CA ILE A 282 -20.23 -50.22 -0.32
C ILE A 282 -19.82 -48.81 -0.73
N CYS A 283 -19.05 -48.13 0.13
CA CYS A 283 -18.51 -46.82 -0.24
C CYS A 283 -17.62 -46.91 -1.46
N TYR A 284 -16.78 -47.93 -1.53
CA TYR A 284 -15.86 -48.15 -2.65
C TYR A 284 -15.41 -49.61 -2.71
N PRO A 285 -15.95 -50.38 -3.66
CA PRO A 285 -15.67 -51.83 -3.69
C PRO A 285 -14.24 -52.18 -4.07
N GLU A 286 -13.46 -51.22 -4.56
CA GLU A 286 -12.09 -51.50 -4.98
C GLU A 286 -11.21 -51.96 -3.84
N TYR A 287 -11.62 -51.74 -2.60
CA TYR A 287 -10.85 -52.11 -1.41
C TYR A 287 -11.46 -53.33 -0.75
N ALA A 288 -10.63 -54.35 -0.54
CA ALA A 288 -11.03 -55.56 0.17
C ALA A 288 -10.07 -55.76 1.33
N GLY A 289 -10.62 -55.88 2.53
CA GLY A 289 -9.79 -56.00 3.72
C GLY A 289 -10.66 -56.22 4.94
N SER A 290 -9.99 -56.32 6.08
CA SER A 290 -10.69 -56.61 7.32
C SER A 290 -11.56 -55.44 7.75
N ASN A 291 -12.56 -55.74 8.57
CA ASN A 291 -13.45 -54.73 9.14
C ASN A 291 -12.87 -54.08 10.38
N THR A 292 -11.57 -54.21 10.59
CA THR A 292 -10.93 -53.60 11.75
C THR A 292 -10.96 -52.07 11.61
N TYR A 293 -11.22 -51.41 12.74
CA TYR A 293 -11.27 -49.95 12.75
C TYR A 293 -9.90 -49.36 12.44
N GLU A 294 -8.83 -49.99 12.91
CA GLU A 294 -7.49 -49.51 12.58
C GLU A 294 -7.23 -49.54 11.08
N GLU A 295 -7.51 -50.66 10.43
CA GLU A 295 -7.24 -50.75 8.99
C GLU A 295 -8.12 -49.78 8.22
N ALA A 296 -9.39 -49.66 8.59
CA ALA A 296 -10.27 -48.73 7.89
C ALA A 296 -9.81 -47.30 8.05
N ALA A 297 -9.48 -46.89 9.29
CA ALA A 297 -9.04 -45.52 9.52
C ALA A 297 -7.73 -45.24 8.80
N ALA A 298 -6.81 -46.20 8.79
CA ALA A 298 -5.56 -46.02 8.05
C ALA A 298 -5.84 -45.88 6.56
N TYR A 299 -6.79 -46.64 6.03
CA TYR A 299 -7.10 -46.50 4.61
C TYR A 299 -7.71 -45.15 4.31
N ILE A 300 -8.58 -44.65 5.19
CA ILE A 300 -9.14 -43.32 4.99
C ILE A 300 -8.02 -42.27 5.00
N GLN A 301 -7.11 -42.36 5.96
CA GLN A 301 -6.01 -41.40 6.02
C GLN A 301 -5.16 -41.45 4.76
N CYS A 302 -4.80 -42.65 4.30
CA CYS A 302 -3.96 -42.77 3.12
C CYS A 302 -4.69 -42.25 1.88
N GLN A 303 -5.98 -42.54 1.75
CA GLN A 303 -6.74 -42.05 0.61
C GLN A 303 -6.80 -40.54 0.61
N PHE A 304 -7.01 -39.92 1.78
CA PHE A 304 -7.02 -38.46 1.83
C PHE A 304 -5.65 -37.88 1.50
N GLU A 305 -4.57 -38.54 1.95
CA GLU A 305 -3.25 -37.93 1.81
C GLU A 305 -2.67 -38.12 0.41
N ASP A 306 -3.13 -39.14 -0.31
CA ASP A 306 -2.48 -39.33 -1.61
C ASP A 306 -2.99 -38.38 -2.70
N LEU A 307 -3.71 -37.29 -2.40
CA LEU A 307 -4.26 -36.47 -3.47
C LEU A 307 -3.29 -35.38 -3.95
N ASN A 308 -2.51 -34.79 -3.04
CA ASN A 308 -1.71 -33.64 -3.45
C ASN A 308 -0.66 -34.08 -4.47
N LYS A 309 -0.54 -33.30 -5.54
CA LYS A 309 0.40 -33.66 -6.60
C LYS A 309 1.83 -33.25 -6.26
N ARG A 310 1.99 -32.15 -5.53
CA ARG A 310 3.31 -31.63 -5.21
C ARG A 310 3.59 -31.86 -3.74
N LYS A 311 4.77 -32.41 -3.45
CA LYS A 311 5.12 -32.80 -2.08
C LYS A 311 6.42 -32.18 -1.58
N ASP A 312 7.32 -31.75 -2.45
CA ASP A 312 8.59 -31.22 -1.99
C ASP A 312 8.41 -29.92 -1.22
N THR A 313 7.42 -29.11 -1.57
CA THR A 313 7.19 -27.84 -0.89
C THR A 313 6.02 -27.87 0.08
N LYS A 314 5.08 -28.80 -0.08
CA LYS A 314 3.87 -28.83 0.73
C LYS A 314 3.74 -30.19 1.41
N GLU A 315 3.43 -30.17 2.70
CA GLU A 315 3.26 -31.38 3.48
C GLU A 315 2.01 -31.28 4.34
N ILE A 316 1.38 -32.43 4.60
CA ILE A 316 0.06 -32.50 5.22
C ILE A 316 0.14 -33.26 6.53
N TYR A 317 -0.59 -32.79 7.53
CA TYR A 317 -0.68 -33.41 8.84
C TYR A 317 -2.10 -33.91 9.06
N THR A 318 -2.24 -35.13 9.58
CA THR A 318 -3.55 -35.67 9.91
C THR A 318 -3.73 -35.76 11.42
N HIS A 319 -4.95 -36.01 11.84
CA HIS A 319 -5.28 -36.06 13.26
C HIS A 319 -6.68 -36.64 13.41
N PHE A 320 -6.86 -37.46 14.44
CA PHE A 320 -8.15 -38.09 14.71
C PHE A 320 -8.80 -37.40 15.90
N THR A 321 -10.08 -37.08 15.76
CA THR A 321 -10.83 -36.41 16.81
C THR A 321 -12.12 -37.16 17.07
N CYS A 322 -12.48 -37.28 18.36
CA CYS A 322 -13.69 -37.97 18.78
C CYS A 322 -14.74 -37.01 19.31
N SER A 323 -14.73 -35.75 18.87
CA SER A 323 -15.67 -34.70 19.21
C SER A 323 -15.55 -34.23 20.67
N THR A 324 -14.72 -34.87 21.48
CA THR A 324 -14.43 -34.40 22.84
C THR A 324 -12.94 -34.63 23.12
N ASP A 325 -12.13 -33.64 22.77
CA ASP A 325 -10.69 -33.72 22.96
C ASP A 325 -10.19 -32.45 23.63
N THR A 326 -9.18 -32.60 24.47
CA THR A 326 -8.46 -31.48 25.04
C THR A 326 -7.11 -31.29 24.35
N LYS A 327 -6.85 -32.03 23.28
CA LYS A 327 -5.57 -32.04 22.59
C LYS A 327 -5.78 -31.77 21.12
N ASN A 328 -6.53 -30.72 20.80
CA ASN A 328 -6.71 -30.28 19.43
C ASN A 328 -6.07 -28.93 19.14
N VAL A 329 -6.05 -28.03 20.10
CA VAL A 329 -5.33 -26.78 19.92
C VAL A 329 -3.83 -27.04 19.86
N GLN A 330 -3.36 -28.01 20.64
CA GLN A 330 -1.92 -28.31 20.65
C GLN A 330 -1.46 -28.79 19.29
N PHE A 331 -2.28 -29.57 18.59
CA PHE A 331 -1.92 -30.03 17.26
C PHE A 331 -1.73 -28.87 16.31
N VAL A 332 -2.63 -27.88 16.36
CA VAL A 332 -2.49 -26.73 15.47
C VAL A 332 -1.28 -25.90 15.84
N PHE A 333 -1.03 -25.71 17.14
CA PHE A 333 0.16 -24.99 17.55
C PHE A 333 1.42 -25.65 17.01
N ASP A 334 1.52 -26.97 17.16
CA ASP A 334 2.70 -27.67 16.70
C ASP A 334 2.82 -27.60 15.18
N ALA A 335 1.71 -27.72 14.46
CA ALA A 335 1.77 -27.65 13.01
C ALA A 335 2.23 -26.27 12.55
N VAL A 336 1.73 -25.21 13.18
CA VAL A 336 2.13 -23.85 12.79
C VAL A 336 3.61 -23.62 13.09
N THR A 337 4.08 -24.08 14.26
CA THR A 337 5.49 -23.93 14.59
C THR A 337 6.38 -24.69 13.60
N ASP A 338 5.99 -25.91 13.24
CA ASP A 338 6.76 -26.66 12.26
C ASP A 338 6.77 -25.94 10.92
N VAL A 339 5.65 -25.36 10.52
CA VAL A 339 5.59 -24.64 9.25
C VAL A 339 6.56 -23.47 9.26
N ILE A 340 6.55 -22.69 10.33
CA ILE A 340 7.44 -21.52 10.42
C ILE A 340 8.90 -21.96 10.34
N ILE A 341 9.27 -23.01 11.07
CA ILE A 341 10.67 -23.44 11.06
C ILE A 341 11.10 -23.95 9.70
N LYS A 342 10.29 -24.79 9.08
CA LYS A 342 10.69 -25.31 7.79
C LYS A 342 10.73 -24.23 6.71
N ASN A 343 9.97 -23.14 6.88
CA ASN A 343 10.14 -22.03 5.95
C ASN A 343 11.40 -21.23 6.26
N ASN A 344 11.68 -20.97 7.53
CA ASN A 344 12.84 -20.14 7.87
C ASN A 344 14.14 -20.80 7.46
N LEU A 345 14.24 -22.12 7.60
CA LEU A 345 15.48 -22.78 7.19
C LEU A 345 15.71 -22.69 5.69
N LYS A 346 14.69 -22.36 4.90
CA LYS A 346 14.84 -22.38 3.45
C LYS A 346 15.67 -21.22 2.93
N ASP A 347 15.48 -20.02 3.48
CA ASP A 347 16.18 -18.86 2.93
C ASP A 347 17.66 -18.87 3.27
N CYS A 348 18.05 -19.48 4.39
CA CYS A 348 19.46 -19.58 4.75
C CYS A 348 20.22 -20.54 3.85
N GLY A 349 19.54 -21.31 3.01
CA GLY A 349 20.15 -22.28 2.15
C GLY A 349 20.13 -23.69 2.70
N LEU A 350 19.96 -23.86 4.01
CA LEU A 350 19.76 -25.18 4.56
C LEU A 350 18.40 -25.71 4.13
N PHE A 351 18.13 -26.97 4.45
CA PHE A 351 16.93 -27.65 3.96
C PHE A 351 16.77 -27.44 2.46
N GLN B 1 -37.91 -19.62 -29.46
CA GLN B 1 -38.29 -19.55 -30.86
C GLN B 1 -38.07 -18.16 -31.44
N LEU B 2 -38.40 -17.14 -30.65
CA LEU B 2 -38.21 -15.77 -31.11
C LEU B 2 -36.74 -15.43 -31.28
N LYS B 3 -35.85 -16.22 -30.67
CA LYS B 3 -34.42 -15.94 -30.76
C LYS B 3 -33.94 -16.03 -32.20
N ASN B 4 -34.44 -16.99 -32.97
CA ASN B 4 -34.06 -17.09 -34.38
C ASN B 4 -34.48 -15.86 -35.16
N GLN B 5 -35.70 -15.37 -34.92
CA GLN B 5 -36.16 -14.17 -35.61
C GLN B 5 -35.32 -12.96 -35.23
N ILE B 6 -34.98 -12.84 -33.94
CA ILE B 6 -34.15 -11.73 -33.49
C ILE B 6 -32.78 -11.79 -34.15
N ARG B 7 -32.19 -12.98 -34.24
CA ARG B 7 -30.90 -13.12 -34.91
C ARG B 7 -30.99 -12.80 -36.39
N ASP B 8 -32.09 -13.20 -37.04
CA ASP B 8 -32.28 -12.87 -38.44
C ASP B 8 -32.37 -11.35 -38.64
N ALA B 9 -33.11 -10.67 -37.76
CA ALA B 9 -33.17 -9.21 -37.83
C ALA B 9 -31.81 -8.59 -37.59
N ARG B 10 -31.04 -9.16 -36.66
CA ARG B 10 -29.70 -8.66 -36.37
C ARG B 10 -28.80 -8.76 -37.60
N LYS B 11 -28.84 -9.91 -38.28
CA LYS B 11 -28.00 -10.07 -39.46
C LYS B 11 -28.53 -9.27 -40.64
N ALA B 12 -29.83 -8.96 -40.67
CA ALA B 12 -30.37 -8.13 -41.74
C ALA B 12 -30.02 -6.66 -41.56
N CYS B 13 -29.99 -6.17 -40.32
CA CYS B 13 -29.79 -4.74 -40.09
C CYS B 13 -28.33 -4.32 -40.17
N ALA B 14 -27.38 -5.25 -40.26
CA ALA B 14 -25.97 -4.93 -40.32
C ALA B 14 -25.45 -5.15 -41.73
N ASP B 15 -24.79 -4.13 -42.28
CA ASP B 15 -24.27 -4.21 -43.64
C ASP B 15 -22.80 -3.84 -43.75
N ALA B 16 -22.33 -2.89 -42.94
CA ALA B 16 -20.98 -2.36 -43.07
C ALA B 16 -20.27 -2.38 -41.72
N THR B 17 -18.94 -2.43 -41.80
CA THR B 17 -18.09 -2.37 -40.62
C THR B 17 -17.42 -1.00 -40.53
N LEU B 18 -17.09 -0.60 -39.31
CA LEU B 18 -16.47 0.71 -39.09
C LEU B 18 -15.12 0.83 -39.78
N SER B 19 -14.47 -0.31 -40.07
CA SER B 19 -13.19 -0.28 -40.75
C SER B 19 -13.33 0.32 -42.15
N GLN B 20 -14.42 0.01 -42.84
CA GLN B 20 -14.62 0.57 -44.17
C GLN B 20 -14.67 2.09 -44.13
N ILE B 21 -15.40 2.66 -43.16
CA ILE B 21 -15.52 4.10 -43.08
C ILE B 21 -14.21 4.74 -42.65
N THR B 22 -13.53 4.12 -41.66
CA THR B 22 -12.26 4.68 -41.21
C THR B 22 -11.15 4.54 -42.25
N ASN B 23 -11.32 3.66 -43.24
CA ASN B 23 -10.28 3.46 -44.23
C ASN B 23 -9.95 4.73 -45.02
N ASN B 24 -10.86 5.68 -45.06
CA ASN B 24 -10.59 6.97 -45.69
C ASN B 24 -10.00 7.98 -44.70
N ILE B 25 -9.82 7.60 -43.45
CA ILE B 25 -9.35 8.49 -42.39
C ILE B 25 -7.96 8.05 -41.97
N ASP B 26 -7.01 8.98 -42.00
CA ASP B 26 -5.66 8.68 -41.55
C ASP B 26 -5.60 8.62 -40.02
N PRO B 27 -4.78 7.75 -39.46
CA PRO B 27 -4.66 7.67 -38.00
C PRO B 27 -3.91 8.87 -37.44
N VAL B 28 -4.08 9.07 -36.13
CA VAL B 28 -3.43 10.19 -35.43
C VAL B 28 -2.00 9.90 -35.03
N GLY B 29 -1.42 8.81 -35.49
CA GLY B 29 -0.02 8.55 -35.22
C GLY B 29 0.23 8.14 -33.78
N ARG B 30 1.46 8.39 -33.33
CA ARG B 30 1.93 7.96 -32.03
C ARG B 30 1.91 9.14 -31.06
N ILE B 31 1.41 8.91 -29.86
CA ILE B 31 1.39 9.91 -28.80
C ILE B 31 2.23 9.41 -27.64
N GLN B 32 3.00 10.33 -27.03
CA GLN B 32 3.87 9.99 -25.93
C GLN B 32 3.13 10.26 -24.62
N MET B 33 2.85 9.20 -23.88
CA MET B 33 2.13 9.28 -22.61
C MET B 33 3.16 9.04 -21.51
N ARG B 34 3.50 10.08 -20.77
CA ARG B 34 4.54 9.98 -19.76
C ARG B 34 3.96 10.24 -18.37
N THR B 35 4.42 9.44 -17.42
CA THR B 35 4.01 9.61 -16.03
C THR B 35 4.44 10.97 -15.51
N ARG B 36 3.62 11.52 -14.63
CA ARG B 36 3.93 12.78 -13.97
C ARG B 36 4.21 12.60 -12.49
N ARG B 37 3.42 11.79 -11.81
CA ARG B 37 3.59 11.59 -10.38
C ARG B 37 3.45 10.11 -10.05
N THR B 38 3.63 9.79 -8.77
CA THR B 38 3.43 8.42 -8.29
C THR B 38 2.94 8.50 -6.85
N LEU B 39 1.89 7.73 -6.56
CA LEU B 39 1.24 7.76 -5.26
C LEU B 39 1.64 6.51 -4.50
N ARG B 40 2.17 6.66 -3.29
CA ARG B 40 2.70 5.54 -2.52
C ARG B 40 2.20 5.61 -1.07
N GLY B 41 1.08 4.95 -0.80
CA GLY B 41 0.59 4.88 0.54
C GLY B 41 0.01 3.54 0.96
N HIS B 42 -0.21 2.64 0.02
CA HIS B 42 -0.91 1.40 0.28
C HIS B 42 0.08 0.28 0.52
N LEU B 43 -0.29 -0.65 1.40
CA LEU B 43 0.54 -1.82 1.71
C LEU B 43 0.08 -3.08 0.99
N ALA B 44 -1.18 -3.41 1.07
CA ALA B 44 -1.73 -4.56 0.37
C ALA B 44 -2.20 -4.13 -1.02
N LYS B 45 -2.58 -5.10 -1.83
CA LYS B 45 -3.02 -4.79 -3.18
C LYS B 45 -4.30 -3.93 -3.14
N ILE B 46 -4.43 -3.03 -4.11
CA ILE B 46 -5.60 -2.15 -4.20
C ILE B 46 -6.58 -2.75 -5.19
N TYR B 47 -7.86 -2.41 -5.03
CA TYR B 47 -8.92 -3.07 -5.77
C TYR B 47 -9.83 -2.15 -6.56
N ALA B 48 -9.91 -0.85 -6.24
CA ALA B 48 -10.81 0.02 -6.97
C ALA B 48 -10.34 1.46 -6.86
N MET B 49 -10.90 2.31 -7.74
CA MET B 49 -10.71 3.75 -7.66
C MET B 49 -11.85 4.44 -8.40
N HIS B 50 -12.11 5.69 -8.03
CA HIS B 50 -13.17 6.47 -8.66
C HIS B 50 -12.76 7.92 -8.73
N TRP B 51 -12.74 8.48 -9.95
CA TRP B 51 -12.33 9.86 -10.14
C TRP B 51 -13.37 10.82 -9.60
N GLY B 52 -12.91 11.95 -9.10
CA GLY B 52 -13.80 12.97 -8.60
C GLY B 52 -14.58 13.62 -9.71
N THR B 53 -15.43 14.57 -9.32
CA THR B 53 -16.20 15.32 -10.30
C THR B 53 -15.53 16.62 -10.73
N ASP B 54 -14.48 17.04 -10.04
CA ASP B 54 -13.79 18.28 -10.37
C ASP B 54 -12.38 18.01 -10.89
N SER B 55 -12.12 16.77 -11.28
CA SER B 55 -10.86 16.36 -11.92
C SER B 55 -9.65 16.62 -11.04
N ARG B 56 -9.83 16.69 -9.73
CA ARG B 56 -8.69 16.92 -8.84
C ARG B 56 -8.55 15.90 -7.73
N LEU B 57 -9.58 15.11 -7.42
CA LEU B 57 -9.51 14.16 -6.31
C LEU B 57 -9.88 12.76 -6.80
N LEU B 58 -9.42 11.76 -6.05
CA LEU B 58 -9.80 10.38 -6.31
C LEU B 58 -9.69 9.60 -4.99
N VAL B 59 -10.37 8.45 -4.96
CA VAL B 59 -10.32 7.54 -3.82
C VAL B 59 -9.90 6.16 -4.30
N SER B 60 -9.25 5.42 -3.41
CA SER B 60 -8.87 4.05 -3.70
C SER B 60 -9.04 3.23 -2.43
N ALA B 61 -9.53 2.01 -2.58
CA ALA B 61 -9.84 1.15 -1.46
C ALA B 61 -9.01 -0.13 -1.56
N SER B 62 -8.32 -0.47 -0.48
CA SER B 62 -7.36 -1.56 -0.49
C SER B 62 -7.75 -2.61 0.54
N GLN B 63 -7.05 -3.75 0.48
CA GLN B 63 -7.33 -4.88 1.36
C GLN B 63 -6.79 -4.72 2.77
N ASP B 64 -5.93 -3.75 3.02
CA ASP B 64 -5.41 -3.59 4.37
C ASP B 64 -6.42 -2.96 5.31
N GLY B 65 -7.69 -2.90 4.93
CA GLY B 65 -8.72 -2.32 5.75
C GLY B 65 -8.87 -0.82 5.64
N LYS B 66 -8.26 -0.19 4.64
CA LYS B 66 -8.25 1.26 4.50
C LYS B 66 -8.67 1.66 3.09
N LEU B 67 -9.47 2.72 3.00
CA LEU B 67 -9.66 3.44 1.75
C LEU B 67 -9.32 4.90 2.00
N ILE B 68 -8.75 5.55 0.99
CA ILE B 68 -7.96 6.75 1.18
C ILE B 68 -8.31 7.75 0.09
N ILE B 69 -8.29 9.04 0.44
CA ILE B 69 -8.63 10.12 -0.50
C ILE B 69 -7.40 10.98 -0.75
N TRP B 70 -7.06 11.15 -2.03
CA TRP B 70 -5.89 11.92 -2.45
C TRP B 70 -6.28 13.26 -3.06
N ASP B 71 -5.29 14.14 -3.19
CA ASP B 71 -5.32 15.31 -4.06
C ASP B 71 -4.39 15.04 -5.23
N SER B 72 -4.93 15.02 -6.44
CA SER B 72 -4.16 14.49 -7.55
C SER B 72 -3.07 15.45 -8.02
N TYR B 73 -3.17 16.74 -7.70
CA TYR B 73 -2.21 17.70 -8.24
C TYR B 73 -0.90 17.70 -7.48
N THR B 74 -0.95 17.66 -6.15
CA THR B 74 0.25 17.71 -5.34
C THR B 74 0.58 16.38 -4.68
N THR B 75 -0.22 15.34 -4.91
CA THR B 75 -0.05 14.04 -4.26
C THR B 75 -0.01 14.19 -2.74
N ASN B 76 -1.03 14.82 -2.20
CA ASN B 76 -1.23 14.96 -0.77
C ASN B 76 -2.41 14.11 -0.35
N LYS B 77 -2.22 13.30 0.68
CA LYS B 77 -3.29 12.46 1.20
C LYS B 77 -4.11 13.25 2.20
N VAL B 78 -5.43 13.17 2.11
CA VAL B 78 -6.29 14.04 2.90
C VAL B 78 -7.23 13.28 3.83
N HIS B 79 -7.66 12.07 3.49
CA HIS B 79 -8.59 11.31 4.31
C HIS B 79 -8.13 9.86 4.40
N ALA B 80 -8.26 9.28 5.59
CA ALA B 80 -8.03 7.85 5.81
C ALA B 80 -9.25 7.32 6.54
N ILE B 81 -9.94 6.37 5.93
CA ILE B 81 -11.24 5.92 6.43
C ILE B 81 -11.08 4.46 6.86
N PRO B 82 -10.98 4.16 8.15
CA PRO B 82 -10.85 2.76 8.57
C PRO B 82 -12.14 1.99 8.33
N LEU B 83 -11.99 0.71 8.04
CA LEU B 83 -13.10 -0.14 7.61
C LEU B 83 -13.51 -1.10 8.71
N ARG B 84 -14.58 -1.85 8.43
CA ARG B 84 -15.05 -2.91 9.32
C ARG B 84 -14.73 -4.30 8.82
N SER B 85 -14.81 -4.54 7.51
CA SER B 85 -14.47 -5.83 6.93
C SER B 85 -13.26 -5.66 6.02
N SER B 86 -12.23 -6.46 6.26
CA SER B 86 -11.00 -6.38 5.49
C SER B 86 -11.19 -6.79 4.03
N TRP B 87 -12.37 -7.24 3.65
CA TRP B 87 -12.65 -7.64 2.28
C TRP B 87 -13.43 -6.52 1.60
N VAL B 88 -12.75 -5.73 0.78
CA VAL B 88 -13.35 -4.62 0.06
C VAL B 88 -12.99 -4.77 -1.41
N MET B 89 -14.00 -4.78 -2.28
CA MET B 89 -13.79 -4.99 -3.70
C MET B 89 -14.40 -3.90 -4.57
N THR B 90 -14.91 -2.81 -4.00
CA THR B 90 -15.51 -1.77 -4.80
C THR B 90 -15.53 -0.47 -4.03
N CYS B 91 -15.66 0.63 -4.77
CA CYS B 91 -15.66 1.97 -4.20
C CYS B 91 -16.35 2.91 -5.17
N ALA B 92 -16.78 4.07 -4.65
CA ALA B 92 -17.50 5.02 -5.48
C ALA B 92 -17.40 6.41 -4.88
N TYR B 93 -17.41 7.42 -5.75
CA TYR B 93 -17.34 8.83 -5.37
C TYR B 93 -18.63 9.51 -5.81
N ALA B 94 -19.28 10.21 -4.89
CA ALA B 94 -20.55 10.84 -5.21
C ALA B 94 -20.35 11.98 -6.20
N PRO B 95 -21.26 12.16 -7.16
CA PRO B 95 -21.09 13.27 -8.11
C PRO B 95 -21.10 14.62 -7.46
N SER B 96 -21.84 14.80 -6.38
CA SER B 96 -21.83 16.06 -5.67
C SER B 96 -20.65 16.19 -4.72
N GLY B 97 -19.78 15.19 -4.66
CA GLY B 97 -18.62 15.24 -3.79
C GLY B 97 -18.97 15.23 -2.32
N ASN B 98 -19.90 14.37 -1.94
CA ASN B 98 -20.35 14.28 -0.55
C ASN B 98 -20.21 12.89 0.06
N TYR B 99 -20.42 11.83 -0.70
CA TYR B 99 -20.50 10.48 -0.17
C TYR B 99 -19.52 9.55 -0.86
N VAL B 100 -19.13 8.50 -0.14
CA VAL B 100 -18.34 7.40 -0.66
C VAL B 100 -18.91 6.10 -0.11
N ALA B 101 -19.11 5.11 -0.99
CA ALA B 101 -19.70 3.83 -0.61
C ALA B 101 -18.83 2.68 -1.07
N CYS B 102 -18.65 1.68 -0.19
CA CYS B 102 -17.78 0.56 -0.46
C CYS B 102 -18.27 -0.68 0.27
N GLY B 103 -18.10 -1.84 -0.34
CA GLY B 103 -18.52 -3.08 0.31
C GLY B 103 -18.05 -4.31 -0.42
N GLY B 104 -17.90 -5.39 0.34
CA GLY B 104 -17.27 -6.59 -0.16
C GLY B 104 -17.95 -7.89 0.20
N LEU B 105 -17.18 -8.83 0.78
CA LEU B 105 -17.68 -10.19 0.93
C LEU B 105 -18.87 -10.27 1.89
N ASP B 106 -18.80 -9.56 3.01
CA ASP B 106 -20.00 -9.43 3.84
C ASP B 106 -21.07 -8.69 3.05
N ASN B 107 -22.33 -9.12 3.21
CA ASN B 107 -23.37 -8.82 2.24
C ASN B 107 -23.86 -7.38 2.39
N ILE B 108 -22.92 -6.44 2.25
CA ILE B 108 -23.20 -5.03 2.49
C ILE B 108 -22.24 -4.19 1.66
N CYS B 109 -22.65 -2.92 1.45
CA CYS B 109 -21.81 -1.87 0.80
C CYS B 109 -22.23 -0.61 1.59
N SER B 110 -21.44 -0.13 2.57
CA SER B 110 -21.85 0.88 3.52
C SER B 110 -21.95 2.25 2.87
N ILE B 111 -22.17 3.27 3.69
CA ILE B 111 -22.28 4.66 3.25
C ILE B 111 -21.46 5.53 4.18
N TYR B 112 -20.65 6.42 3.60
CA TYR B 112 -19.83 7.35 4.36
C TYR B 112 -20.16 8.78 3.98
N ASN B 113 -20.23 9.65 4.98
CA ASN B 113 -20.48 11.07 4.79
C ASN B 113 -19.16 11.82 4.94
N LEU B 114 -18.77 12.54 3.90
CA LEU B 114 -17.49 13.25 3.91
C LEU B 114 -17.66 14.61 4.57
N LYS B 115 -18.54 15.44 4.03
CA LYS B 115 -18.74 16.79 4.54
C LYS B 115 -19.65 16.69 5.77
N THR B 116 -19.04 16.63 6.95
CA THR B 116 -19.79 16.43 8.18
C THR B 116 -19.49 17.55 9.16
N ARG B 117 -20.53 18.00 9.85
CA ARG B 117 -20.33 18.92 10.97
C ARG B 117 -19.46 18.27 12.05
N GLU B 118 -19.47 16.94 12.12
CA GLU B 118 -18.59 16.22 13.02
C GLU B 118 -17.13 16.52 12.70
N GLY B 119 -16.80 16.62 11.41
CA GLY B 119 -15.43 16.75 11.00
C GLY B 119 -14.72 15.45 10.76
N ASN B 120 -15.42 14.32 10.85
CA ASN B 120 -14.81 13.02 10.65
C ASN B 120 -15.80 12.15 9.91
N VAL B 121 -15.26 11.15 9.20
CA VAL B 121 -16.11 10.28 8.39
C VAL B 121 -16.82 9.29 9.30
N ARG B 122 -18.14 9.14 9.11
CA ARG B 122 -18.91 8.14 9.82
C ARG B 122 -19.71 7.30 8.83
N VAL B 123 -20.12 6.12 9.30
CA VAL B 123 -21.07 5.29 8.56
C VAL B 123 -22.48 5.79 8.83
N SER B 124 -23.28 5.92 7.78
CA SER B 124 -24.65 6.40 7.93
C SER B 124 -25.69 5.30 7.81
N ARG B 125 -25.72 4.58 6.69
CA ARG B 125 -26.77 3.60 6.44
C ARG B 125 -26.15 2.32 5.91
N GLU B 126 -26.29 1.24 6.67
CA GLU B 126 -25.74 -0.07 6.29
C GLU B 126 -26.77 -0.81 5.46
N LEU B 127 -26.53 -0.93 4.16
CA LEU B 127 -27.51 -1.49 3.23
C LEU B 127 -27.29 -2.99 3.13
N ALA B 128 -28.15 -3.77 3.79
CA ALA B 128 -28.01 -5.23 3.88
C ALA B 128 -29.23 -5.89 3.26
N GLY B 129 -29.11 -6.38 2.03
CA GLY B 129 -30.23 -7.03 1.39
C GLY B 129 -29.89 -8.18 0.47
N HIS B 130 -28.61 -8.51 0.37
CA HIS B 130 -28.15 -9.52 -0.57
C HIS B 130 -27.74 -10.79 0.15
N THR B 131 -27.51 -11.84 -0.63
CA THR B 131 -26.93 -13.08 -0.14
C THR B 131 -25.59 -13.39 -0.81
N GLY B 132 -24.86 -12.36 -1.21
CA GLY B 132 -23.56 -12.53 -1.83
C GLY B 132 -22.77 -11.25 -1.75
N TYR B 133 -21.52 -11.32 -2.20
CA TYR B 133 -20.67 -10.15 -2.21
C TYR B 133 -21.13 -9.14 -3.26
N LEU B 134 -20.78 -7.88 -3.02
CA LEU B 134 -21.15 -6.78 -3.90
C LEU B 134 -19.93 -6.37 -4.73
N SER B 135 -20.08 -6.35 -6.04
CA SER B 135 -18.95 -6.06 -6.90
C SER B 135 -18.82 -4.59 -7.26
N CYS B 136 -19.91 -3.84 -7.23
CA CYS B 136 -19.89 -2.44 -7.66
C CYS B 136 -21.16 -1.76 -7.18
N CYS B 137 -21.03 -0.70 -6.36
CA CYS B 137 -22.22 0.12 -5.97
C CYS B 137 -21.93 1.61 -6.27
N ARG B 138 -22.44 2.14 -7.39
CA ARG B 138 -22.21 3.50 -7.85
C ARG B 138 -23.28 4.43 -7.28
N PHE B 139 -23.34 5.65 -7.80
CA PHE B 139 -24.27 6.66 -7.33
C PHE B 139 -25.06 7.24 -8.50
N LEU B 140 -26.37 7.38 -8.33
CA LEU B 140 -27.18 8.15 -9.26
C LEU B 140 -27.33 9.60 -8.82
N ASP B 141 -27.94 9.81 -7.67
CA ASP B 141 -28.09 11.16 -7.12
C ASP B 141 -27.44 11.21 -5.76
N ASP B 142 -27.72 12.27 -5.01
CA ASP B 142 -27.27 12.37 -3.64
C ASP B 142 -28.14 11.54 -2.71
N ASN B 143 -29.17 10.87 -3.25
CA ASN B 143 -30.12 10.14 -2.42
C ASN B 143 -30.51 8.77 -2.98
N GLN B 144 -30.05 8.39 -4.17
CA GLN B 144 -30.35 7.08 -4.72
C GLN B 144 -29.06 6.38 -5.13
N ILE B 145 -28.83 5.20 -4.58
CA ILE B 145 -27.60 4.43 -4.77
C ILE B 145 -27.98 3.12 -5.44
N VAL B 146 -27.18 2.70 -6.41
CA VAL B 146 -27.45 1.48 -7.17
C VAL B 146 -26.35 0.48 -6.86
N THR B 147 -26.73 -0.71 -6.43
CA THR B 147 -25.80 -1.75 -6.00
C THR B 147 -25.91 -2.98 -6.90
N SER B 148 -24.75 -3.57 -7.19
CA SER B 148 -24.65 -4.77 -8.00
C SER B 148 -23.87 -5.83 -7.23
N SER B 149 -24.40 -7.05 -7.19
CA SER B 149 -23.94 -8.04 -6.22
C SER B 149 -23.54 -9.33 -6.92
N GLY B 150 -22.89 -10.20 -6.16
CA GLY B 150 -22.64 -11.56 -6.57
C GLY B 150 -23.82 -12.45 -6.32
N ASP B 151 -24.94 -11.88 -5.89
CA ASP B 151 -26.17 -12.59 -5.58
C ASP B 151 -27.02 -12.80 -6.83
N THR B 152 -26.47 -12.54 -8.00
CA THR B 152 -27.18 -12.59 -9.28
C THR B 152 -28.37 -11.63 -9.31
N THR B 153 -28.28 -10.50 -8.62
CA THR B 153 -29.34 -9.50 -8.63
C THR B 153 -28.74 -8.12 -8.46
N CYS B 154 -29.19 -7.17 -9.27
CA CYS B 154 -28.82 -5.77 -9.11
C CYS B 154 -29.95 -5.06 -8.37
N ALA B 155 -29.60 -4.33 -7.33
CA ALA B 155 -30.57 -3.79 -6.39
C ALA B 155 -30.46 -2.28 -6.38
N LEU B 156 -31.56 -1.60 -6.70
CA LEU B 156 -31.61 -0.15 -6.63
C LEU B 156 -32.20 0.27 -5.29
N TRP B 157 -31.52 1.19 -4.61
CA TRP B 157 -31.84 1.46 -3.22
C TRP B 157 -32.29 2.90 -3.05
N ASP B 158 -32.37 3.29 -1.79
CA ASP B 158 -32.78 4.62 -1.37
C ASP B 158 -32.24 4.81 0.03
N ILE B 159 -31.22 5.67 0.16
CA ILE B 159 -30.45 5.70 1.40
C ILE B 159 -31.33 6.06 2.60
N GLU B 160 -32.14 7.11 2.47
CA GLU B 160 -32.92 7.57 3.63
C GLU B 160 -33.95 6.54 4.06
N THR B 161 -34.61 5.89 3.11
CA THR B 161 -35.56 4.84 3.46
C THR B 161 -34.86 3.68 4.17
N GLY B 162 -33.68 3.31 3.70
CA GLY B 162 -32.96 2.17 4.21
C GLY B 162 -33.34 0.86 3.57
N GLN B 163 -34.38 0.84 2.75
CA GLN B 163 -34.86 -0.37 2.09
C GLN B 163 -34.87 -0.16 0.59
N GLN B 164 -34.64 -1.23 -0.15
CA GLN B 164 -34.60 -1.15 -1.60
C GLN B 164 -36.00 -0.90 -2.14
N THR B 165 -36.15 0.16 -2.92
CA THR B 165 -37.46 0.47 -3.50
C THR B 165 -37.75 -0.44 -4.69
N THR B 166 -36.72 -0.81 -5.44
CA THR B 166 -36.89 -1.63 -6.61
C THR B 166 -35.82 -2.70 -6.62
N THR B 167 -36.13 -3.84 -7.25
CA THR B 167 -35.16 -4.90 -7.43
C THR B 167 -35.15 -5.33 -8.90
N PHE B 168 -33.97 -5.70 -9.37
CA PHE B 168 -33.78 -6.15 -10.75
C PHE B 168 -33.38 -7.61 -10.73
N THR B 169 -33.97 -8.39 -11.64
CA THR B 169 -33.69 -9.81 -11.74
C THR B 169 -33.57 -10.20 -13.20
N GLY B 170 -32.82 -11.26 -13.47
CA GLY B 170 -32.68 -11.72 -14.85
C GLY B 170 -31.35 -12.33 -15.21
N HIS B 171 -30.37 -12.29 -14.32
CA HIS B 171 -29.08 -12.95 -14.53
C HIS B 171 -29.04 -14.31 -13.86
N THR B 172 -28.73 -15.35 -14.63
CA THR B 172 -28.45 -16.65 -14.06
C THR B 172 -27.17 -16.62 -13.23
N GLY B 173 -26.09 -16.09 -13.80
CA GLY B 173 -24.85 -15.90 -13.06
C GLY B 173 -24.90 -14.62 -12.25
N ASP B 174 -23.76 -14.33 -11.61
CA ASP B 174 -23.65 -13.15 -10.76
C ASP B 174 -22.99 -12.02 -11.50
N VAL B 175 -23.55 -10.81 -11.35
CA VAL B 175 -23.03 -9.62 -12.00
C VAL B 175 -21.82 -9.10 -11.24
N MET B 176 -20.85 -8.56 -11.98
CA MET B 176 -19.65 -8.02 -11.38
C MET B 176 -19.32 -6.60 -11.81
N SER B 177 -20.18 -5.96 -12.60
CA SER B 177 -19.90 -4.63 -13.10
C SER B 177 -21.21 -3.92 -13.41
N LEU B 178 -21.17 -2.59 -13.31
CA LEU B 178 -22.36 -1.77 -13.45
C LEU B 178 -21.94 -0.36 -13.85
N SER B 179 -22.63 0.22 -14.83
CA SER B 179 -22.27 1.53 -15.35
C SER B 179 -23.52 2.36 -15.60
N LEU B 180 -23.35 3.68 -15.54
CA LEU B 180 -24.46 4.62 -15.62
C LEU B 180 -24.37 5.47 -16.89
N ALA B 181 -25.52 5.76 -17.45
CA ALA B 181 -25.66 6.68 -18.57
C ALA B 181 -25.53 8.13 -18.08
N PRO B 182 -25.06 9.02 -18.94
CA PRO B 182 -24.84 10.42 -18.50
C PRO B 182 -26.09 11.13 -18.03
N ASP B 183 -27.26 10.76 -18.55
CA ASP B 183 -28.51 11.46 -18.24
C ASP B 183 -29.19 10.94 -16.97
N THR B 184 -28.60 9.95 -16.29
CA THR B 184 -29.16 9.39 -15.06
C THR B 184 -30.59 8.92 -15.30
N ARG B 185 -30.75 8.11 -16.34
CA ARG B 185 -32.08 7.65 -16.74
C ARG B 185 -32.06 6.16 -17.04
N LEU B 186 -30.90 5.64 -17.41
CA LEU B 186 -30.73 4.23 -17.69
C LEU B 186 -29.37 3.79 -17.17
N PHE B 187 -29.19 2.48 -17.02
CA PHE B 187 -27.89 1.93 -16.65
C PHE B 187 -27.84 0.49 -17.11
N VAL B 188 -26.62 -0.01 -17.29
CA VAL B 188 -26.41 -1.35 -17.80
C VAL B 188 -25.49 -2.10 -16.85
N SER B 189 -25.52 -3.43 -16.95
CA SER B 189 -24.64 -4.27 -16.16
C SER B 189 -24.48 -5.60 -16.88
N GLY B 190 -23.45 -6.34 -16.47
CA GLY B 190 -23.18 -7.64 -17.06
C GLY B 190 -22.67 -8.62 -16.03
N ALA B 191 -22.78 -9.91 -16.36
CA ALA B 191 -22.53 -10.95 -15.38
C ALA B 191 -21.61 -12.04 -15.91
N CYS B 192 -21.48 -13.12 -15.14
CA CYS B 192 -20.65 -14.24 -15.53
C CYS B 192 -21.23 -15.07 -16.67
N ASP B 193 -22.47 -14.83 -17.05
CA ASP B 193 -23.06 -15.51 -18.20
C ASP B 193 -22.60 -14.91 -19.52
N ALA B 194 -21.75 -13.88 -19.46
CA ALA B 194 -21.29 -13.15 -20.65
C ALA B 194 -22.46 -12.49 -21.37
N SER B 195 -23.33 -11.84 -20.59
CA SER B 195 -24.44 -11.10 -21.16
C SER B 195 -24.61 -9.80 -20.38
N ALA B 196 -24.99 -8.74 -21.09
CA ALA B 196 -25.23 -7.43 -20.49
C ALA B 196 -26.63 -6.97 -20.83
N LYS B 197 -27.37 -6.53 -19.81
CA LYS B 197 -28.77 -6.18 -19.94
C LYS B 197 -28.99 -4.72 -19.62
N LEU B 198 -29.72 -4.02 -20.48
CA LEU B 198 -29.97 -2.59 -20.31
C LEU B 198 -31.10 -2.41 -19.31
N TRP B 199 -30.78 -1.86 -18.15
CA TRP B 199 -31.72 -1.71 -17.07
C TRP B 199 -32.33 -0.32 -17.07
N ASP B 200 -33.62 -0.25 -16.83
CA ASP B 200 -34.34 1.02 -16.76
C ASP B 200 -34.68 1.30 -15.32
N VAL B 201 -34.66 2.58 -14.94
CA VAL B 201 -34.87 2.97 -13.55
C VAL B 201 -36.31 3.40 -13.35
N ARG B 202 -36.95 3.92 -14.40
CA ARG B 202 -38.31 4.41 -14.26
C ARG B 202 -39.26 3.29 -13.85
N GLU B 203 -39.26 2.19 -14.58
CA GLU B 203 -40.16 1.08 -14.31
C GLU B 203 -39.46 -0.13 -13.72
N GLY B 204 -38.14 -0.16 -13.71
CA GLY B 204 -37.40 -1.15 -12.95
C GLY B 204 -37.24 -2.50 -13.58
N MET B 205 -37.30 -2.60 -14.91
CA MET B 205 -37.12 -3.88 -15.57
C MET B 205 -36.24 -3.72 -16.79
N CYS B 206 -35.53 -4.79 -17.15
CA CYS B 206 -34.60 -4.73 -18.27
C CYS B 206 -35.34 -4.53 -19.58
N ARG B 207 -34.61 -4.00 -20.57
CA ARG B 207 -35.15 -3.77 -21.90
C ARG B 207 -34.55 -4.71 -22.92
N GLN B 208 -33.23 -4.72 -23.07
CA GLN B 208 -32.57 -5.47 -24.12
C GLN B 208 -31.38 -6.22 -23.54
N THR B 209 -30.93 -7.22 -24.28
CA THR B 209 -29.80 -8.05 -23.88
C THR B 209 -28.66 -7.90 -24.89
N PHE B 210 -27.44 -7.85 -24.38
CA PHE B 210 -26.25 -7.71 -25.20
C PHE B 210 -25.33 -8.89 -24.92
N THR B 211 -24.98 -9.64 -25.97
CA THR B 211 -24.14 -10.81 -25.84
C THR B 211 -22.99 -10.74 -26.84
N GLY B 212 -22.11 -11.73 -26.76
CA GLY B 212 -20.95 -11.79 -27.64
C GLY B 212 -19.69 -12.29 -26.96
N HIS B 213 -19.60 -12.12 -25.64
CA HIS B 213 -18.49 -12.68 -24.90
C HIS B 213 -18.71 -14.16 -24.63
N GLU B 214 -17.67 -14.82 -24.12
CA GLU B 214 -17.77 -16.21 -23.68
C GLU B 214 -17.21 -16.44 -22.28
N SER B 215 -16.81 -15.41 -21.55
CA SER B 215 -16.31 -15.55 -20.20
C SER B 215 -16.96 -14.48 -19.33
N ASP B 216 -16.56 -14.45 -18.07
CA ASP B 216 -17.07 -13.44 -17.14
C ASP B 216 -16.51 -12.08 -17.51
N ILE B 217 -17.30 -11.03 -17.31
CA ILE B 217 -16.89 -9.70 -17.68
C ILE B 217 -16.36 -8.97 -16.46
N ASN B 218 -15.51 -7.99 -16.71
CA ASN B 218 -14.71 -7.35 -15.67
C ASN B 218 -15.04 -5.87 -15.49
N ALA B 219 -15.24 -5.13 -16.57
CA ALA B 219 -15.67 -3.74 -16.44
C ALA B 219 -16.31 -3.29 -17.74
N ILE B 220 -17.13 -2.24 -17.64
CA ILE B 220 -17.82 -1.64 -18.77
C ILE B 220 -17.85 -0.13 -18.58
N CYS B 221 -18.02 0.60 -19.68
CA CYS B 221 -18.25 2.04 -19.64
C CYS B 221 -19.07 2.45 -20.85
N PHE B 222 -19.96 3.44 -20.65
CA PHE B 222 -20.66 4.08 -21.75
C PHE B 222 -19.74 4.94 -22.61
N PHE B 223 -20.06 5.02 -23.90
CA PHE B 223 -19.53 6.07 -24.75
C PHE B 223 -20.03 7.42 -24.27
N PRO B 224 -19.21 8.47 -24.33
CA PRO B 224 -19.63 9.75 -23.72
C PRO B 224 -20.84 10.39 -24.37
N ASN B 225 -21.20 9.98 -25.59
CA ASN B 225 -22.39 10.53 -26.23
C ASN B 225 -23.68 10.03 -25.62
N GLY B 226 -23.63 9.08 -24.70
CA GLY B 226 -24.83 8.52 -24.11
C GLY B 226 -25.55 7.55 -25.00
N ASN B 227 -24.84 6.85 -25.89
CA ASN B 227 -25.47 5.96 -26.85
C ASN B 227 -24.81 4.59 -26.97
N ALA B 228 -23.56 4.43 -26.54
CA ALA B 228 -22.84 3.19 -26.76
C ALA B 228 -22.02 2.87 -25.52
N PHE B 229 -21.44 1.67 -25.51
CA PHE B 229 -20.60 1.26 -24.41
C PHE B 229 -19.62 0.20 -24.89
N ALA B 230 -18.53 0.06 -24.13
CA ALA B 230 -17.51 -0.95 -24.42
C ALA B 230 -17.23 -1.76 -23.16
N THR B 231 -16.91 -3.04 -23.38
CA THR B 231 -16.92 -4.06 -22.34
C THR B 231 -15.57 -4.76 -22.33
N GLY B 232 -15.20 -5.32 -21.17
CA GLY B 232 -13.97 -6.09 -21.05
C GLY B 232 -14.11 -7.36 -20.22
N SER B 233 -13.59 -8.47 -20.74
CA SER B 233 -13.71 -9.77 -20.10
C SER B 233 -12.31 -10.37 -19.96
N ASP B 234 -12.24 -11.64 -19.57
CA ASP B 234 -10.97 -12.31 -19.40
C ASP B 234 -10.48 -13.00 -20.66
N ASP B 235 -11.17 -12.86 -21.78
CA ASP B 235 -10.77 -13.48 -23.03
C ASP B 235 -9.91 -12.58 -23.90
N ALA B 236 -9.38 -11.49 -23.33
CA ALA B 236 -8.60 -10.51 -24.08
C ALA B 236 -9.39 -9.95 -25.26
N THR B 237 -10.68 -9.68 -25.03
CA THR B 237 -11.59 -9.19 -26.07
C THR B 237 -12.44 -8.05 -25.51
N CYS B 238 -12.00 -6.82 -25.73
CA CYS B 238 -12.87 -5.68 -25.49
C CYS B 238 -13.86 -5.53 -26.64
N ARG B 239 -15.16 -5.48 -26.31
CA ARG B 239 -16.20 -5.42 -27.31
C ARG B 239 -16.99 -4.12 -27.14
N LEU B 240 -17.54 -3.64 -28.25
CA LEU B 240 -18.23 -2.35 -28.31
C LEU B 240 -19.68 -2.55 -28.71
N PHE B 241 -20.60 -1.96 -27.96
CA PHE B 241 -22.02 -2.09 -28.23
C PHE B 241 -22.71 -0.75 -28.03
N ASP B 242 -23.75 -0.49 -28.83
CA ASP B 242 -24.49 0.77 -28.77
C ASP B 242 -25.95 0.53 -28.40
N LEU B 243 -26.57 1.54 -27.81
CA LEU B 243 -27.96 1.42 -27.40
C LEU B 243 -28.89 1.31 -28.59
N ARG B 244 -28.68 2.13 -29.62
CA ARG B 244 -29.67 2.27 -30.68
C ARG B 244 -29.68 1.07 -31.61
N ALA B 245 -28.56 0.80 -32.28
CA ALA B 245 -28.53 -0.23 -33.31
C ALA B 245 -28.66 -1.64 -32.74
N ASP B 246 -28.29 -1.85 -31.47
CA ASP B 246 -28.37 -3.16 -30.83
C ASP B 246 -27.60 -4.20 -31.64
N GLN B 247 -26.29 -3.97 -31.76
CA GLN B 247 -25.45 -4.78 -32.64
C GLN B 247 -24.03 -4.79 -32.11
N GLU B 248 -23.22 -5.66 -32.72
CA GLU B 248 -21.78 -5.66 -32.49
C GLU B 248 -21.10 -4.77 -33.53
N LEU B 249 -20.24 -3.88 -33.07
CA LEU B 249 -19.60 -2.91 -33.95
C LEU B 249 -18.12 -3.19 -34.21
N MET B 250 -17.30 -3.22 -33.16
CA MET B 250 -15.87 -3.42 -33.33
C MET B 250 -15.33 -4.31 -32.23
N THR B 251 -14.52 -5.28 -32.63
CA THR B 251 -13.83 -6.17 -31.71
C THR B 251 -12.42 -5.65 -31.49
N TYR B 252 -12.05 -5.48 -30.23
CA TYR B 252 -10.79 -4.89 -29.84
C TYR B 252 -9.89 -5.99 -29.29
N SER B 253 -9.11 -6.60 -30.17
CA SER B 253 -8.29 -7.75 -29.78
C SER B 253 -7.00 -7.73 -30.59
N HIS B 254 -6.03 -8.51 -30.11
CA HIS B 254 -4.73 -8.62 -30.75
C HIS B 254 -4.19 -10.02 -30.55
N ASP B 255 -3.29 -10.44 -31.45
CA ASP B 255 -2.80 -11.80 -31.43
C ASP B 255 -1.65 -12.03 -30.45
N ASN B 256 -0.94 -10.98 -30.05
CA ASN B 256 0.21 -11.12 -29.16
C ASN B 256 -0.13 -10.85 -27.70
N ILE B 257 -1.41 -10.72 -27.35
CA ILE B 257 -1.83 -10.56 -25.98
C ILE B 257 -2.78 -11.70 -25.63
N ILE B 258 -2.54 -12.33 -24.47
CA ILE B 258 -3.19 -13.59 -24.14
C ILE B 258 -3.80 -13.55 -22.75
N CYS B 259 -3.47 -12.53 -21.97
CA CYS B 259 -4.03 -12.37 -20.64
C CYS B 259 -5.34 -11.58 -20.70
N GLY B 260 -6.02 -11.49 -19.56
CA GLY B 260 -7.33 -10.89 -19.47
C GLY B 260 -7.30 -9.38 -19.30
N ILE B 261 -8.46 -8.84 -18.96
CA ILE B 261 -8.65 -7.40 -18.76
C ILE B 261 -9.18 -7.18 -17.34
N THR B 262 -9.03 -5.96 -16.84
CA THR B 262 -9.51 -5.67 -15.51
C THR B 262 -10.36 -4.41 -15.43
N SER B 263 -10.06 -3.41 -16.25
CA SER B 263 -10.90 -2.22 -16.27
C SER B 263 -10.72 -1.49 -17.59
N VAL B 264 -11.73 -0.73 -17.99
CA VAL B 264 -11.72 0.02 -19.24
C VAL B 264 -12.25 1.42 -19.00
N SER B 265 -12.01 2.30 -19.97
CA SER B 265 -12.47 3.68 -19.93
C SER B 265 -12.34 4.28 -21.34
N PHE B 266 -13.00 5.41 -21.55
CA PHE B 266 -12.91 6.19 -22.78
C PHE B 266 -12.23 7.53 -22.53
N SER B 267 -11.66 8.09 -23.61
CA SER B 267 -11.12 9.43 -23.58
C SER B 267 -12.26 10.45 -23.73
N LYS B 268 -11.91 11.74 -23.67
CA LYS B 268 -12.94 12.78 -23.60
C LYS B 268 -13.86 12.72 -24.82
N SER B 269 -13.30 12.64 -26.01
CA SER B 269 -14.09 12.57 -27.23
C SER B 269 -14.30 11.15 -27.70
N GLY B 270 -13.84 10.15 -26.94
CA GLY B 270 -14.03 8.79 -27.38
C GLY B 270 -13.17 8.38 -28.55
N ARG B 271 -12.11 9.13 -28.84
CA ARG B 271 -11.20 8.76 -29.91
C ARG B 271 -10.40 7.51 -29.57
N LEU B 272 -10.17 7.24 -28.28
CA LEU B 272 -9.36 6.11 -27.87
C LEU B 272 -9.79 5.65 -26.49
N LEU B 273 -9.66 4.35 -26.24
CA LEU B 273 -10.03 3.74 -24.97
C LEU B 273 -8.81 3.12 -24.30
N LEU B 274 -8.99 2.73 -23.05
CA LEU B 274 -7.93 2.18 -22.22
C LEU B 274 -8.24 0.75 -21.86
N ALA B 275 -7.23 0.01 -21.41
CA ALA B 275 -7.45 -1.35 -20.92
C ALA B 275 -6.24 -1.81 -20.14
N GLY B 276 -6.39 -1.99 -18.83
CA GLY B 276 -5.26 -2.35 -17.99
C GLY B 276 -5.13 -3.83 -17.76
N TYR B 277 -4.25 -4.49 -18.52
CA TYR B 277 -4.25 -5.93 -18.65
C TYR B 277 -3.66 -6.61 -17.42
N ASP B 278 -3.64 -7.94 -17.45
CA ASP B 278 -3.06 -8.77 -16.39
C ASP B 278 -1.55 -8.82 -16.45
N ASP B 279 -0.94 -8.31 -17.52
CA ASP B 279 0.51 -8.22 -17.62
C ASP B 279 1.02 -6.90 -17.09
N PHE B 280 0.33 -6.32 -16.11
CA PHE B 280 0.75 -5.10 -15.42
C PHE B 280 1.16 -3.98 -16.39
N ASN B 281 0.46 -3.89 -17.51
CA ASN B 281 0.61 -2.79 -18.45
C ASN B 281 -0.76 -2.29 -18.88
N CYS B 282 -0.84 -1.02 -19.23
CA CYS B 282 -2.01 -0.45 -19.87
C CYS B 282 -1.82 -0.43 -21.38
N ASN B 283 -2.89 -0.11 -22.10
CA ASN B 283 -2.85 -0.14 -23.55
C ASN B 283 -3.86 0.84 -24.11
N VAL B 284 -3.37 1.91 -24.76
CA VAL B 284 -4.23 2.89 -25.41
C VAL B 284 -4.49 2.43 -26.84
N TRP B 285 -5.76 2.32 -27.20
CA TRP B 285 -6.16 1.85 -28.51
C TRP B 285 -7.01 2.91 -29.18
N ASP B 286 -6.73 3.18 -30.46
CA ASP B 286 -7.59 4.08 -31.21
C ASP B 286 -9.01 3.51 -31.28
N ALA B 287 -9.97 4.26 -30.77
CA ALA B 287 -11.34 3.77 -30.75
C ALA B 287 -11.95 3.65 -32.14
N LEU B 288 -11.37 4.29 -33.15
CA LEU B 288 -11.88 4.23 -34.51
C LEU B 288 -10.95 3.51 -35.46
N LYS B 289 -9.64 3.82 -35.42
CA LYS B 289 -8.68 3.16 -36.29
C LYS B 289 -8.38 1.72 -35.85
N ALA B 290 -8.73 1.35 -34.61
CA ALA B 290 -8.57 -0.01 -34.11
C ALA B 290 -7.13 -0.50 -34.23
N ASP B 291 -6.18 0.37 -33.90
CA ASP B 291 -4.77 0.00 -33.85
C ASP B 291 -4.18 0.50 -32.54
N ARG B 292 -3.19 -0.23 -32.03
CA ARG B 292 -2.64 0.05 -30.71
C ARG B 292 -1.90 1.38 -30.72
N ALA B 293 -2.45 2.37 -30.01
CA ALA B 293 -1.87 3.70 -30.00
C ALA B 293 -0.58 3.77 -29.20
N GLY B 294 -0.43 2.94 -28.18
CA GLY B 294 0.77 2.97 -27.35
C GLY B 294 0.61 2.03 -26.19
N VAL B 295 1.72 1.81 -25.49
CA VAL B 295 1.76 0.92 -24.33
C VAL B 295 2.41 1.67 -23.18
N LEU B 296 1.91 1.46 -21.97
CA LEU B 296 2.40 2.14 -20.77
C LEU B 296 2.96 1.09 -19.83
N ALA B 297 4.20 1.27 -19.40
CA ALA B 297 4.80 0.42 -18.39
C ALA B 297 4.56 1.04 -17.02
N GLY B 298 5.28 0.57 -15.99
CA GLY B 298 5.27 1.30 -14.74
C GLY B 298 4.92 0.50 -13.50
N HIS B 299 4.23 -0.61 -13.66
CA HIS B 299 3.85 -1.48 -12.55
C HIS B 299 4.61 -2.79 -12.67
N ASP B 300 4.34 -3.70 -11.73
CA ASP B 300 5.02 -4.99 -11.74
C ASP B 300 4.05 -6.17 -11.72
N ASN B 301 2.94 -6.07 -11.00
CA ASN B 301 2.11 -7.25 -10.79
C ASN B 301 0.93 -7.35 -11.75
N ARG B 302 -0.04 -6.44 -11.63
CA ARG B 302 -1.28 -6.56 -12.39
C ARG B 302 -2.13 -5.33 -12.18
N VAL B 303 -2.70 -4.80 -13.27
CA VAL B 303 -3.55 -3.61 -13.19
C VAL B 303 -4.89 -4.00 -12.58
N SER B 304 -5.39 -3.16 -11.66
CA SER B 304 -6.64 -3.43 -10.97
C SER B 304 -7.77 -2.49 -11.35
N CYS B 305 -7.48 -1.26 -11.73
CA CYS B 305 -8.51 -0.26 -12.03
C CYS B 305 -7.84 0.98 -12.60
N LEU B 306 -8.59 1.73 -13.42
CA LEU B 306 -8.05 2.95 -14.02
C LEU B 306 -9.22 3.83 -14.43
N GLY B 307 -8.94 5.11 -14.66
CA GLY B 307 -9.99 6.03 -15.06
C GLY B 307 -9.43 7.37 -15.50
N VAL B 308 -10.29 8.16 -16.14
CA VAL B 308 -9.94 9.48 -16.67
C VAL B 308 -10.88 10.52 -16.08
N THR B 309 -10.34 11.69 -15.78
CA THR B 309 -11.18 12.73 -15.19
C THR B 309 -12.19 13.23 -16.22
N ASP B 310 -13.06 14.11 -15.74
CA ASP B 310 -14.09 14.68 -16.61
C ASP B 310 -13.48 15.52 -17.71
N ASP B 311 -12.47 16.33 -17.39
CA ASP B 311 -11.92 17.26 -18.37
C ASP B 311 -10.88 16.63 -19.29
N GLY B 312 -10.40 15.43 -18.99
CA GLY B 312 -9.42 14.78 -19.83
C GLY B 312 -7.96 15.08 -19.51
N MET B 313 -7.68 15.90 -18.50
CA MET B 313 -6.30 16.22 -18.16
C MET B 313 -5.50 14.97 -17.80
N ALA B 314 -6.08 14.09 -17.00
CA ALA B 314 -5.33 13.06 -16.31
C ALA B 314 -5.85 11.68 -16.64
N VAL B 315 -5.08 10.67 -16.24
CA VAL B 315 -5.53 9.29 -16.17
C VAL B 315 -4.70 8.60 -15.09
N ALA B 316 -5.36 7.83 -14.22
CA ALA B 316 -4.68 7.18 -13.11
C ALA B 316 -4.94 5.69 -13.14
N THR B 317 -3.90 4.89 -12.97
CA THR B 317 -4.00 3.43 -13.02
C THR B 317 -3.54 2.84 -11.70
N GLY B 318 -4.17 1.73 -11.32
CA GLY B 318 -3.85 1.06 -10.08
C GLY B 318 -3.54 -0.40 -10.30
N SER B 319 -2.81 -0.98 -9.35
CA SER B 319 -2.28 -2.32 -9.53
C SER B 319 -2.10 -3.00 -8.19
N TRP B 320 -1.82 -4.30 -8.24
CA TRP B 320 -1.68 -5.07 -7.01
C TRP B 320 -0.39 -4.77 -6.26
N ASP B 321 0.49 -3.95 -6.83
CA ASP B 321 1.67 -3.52 -6.11
C ASP B 321 1.38 -2.44 -5.08
N SER B 322 0.16 -1.92 -5.05
CA SER B 322 -0.24 -0.85 -4.14
C SER B 322 0.41 0.48 -4.52
N PHE B 323 0.46 0.77 -5.82
CA PHE B 323 1.04 2.01 -6.34
C PHE B 323 0.09 2.62 -7.36
N LEU B 324 -0.20 3.91 -7.22
CA LEU B 324 -1.02 4.64 -8.18
C LEU B 324 -0.15 5.65 -8.91
N LYS B 325 -0.14 5.58 -10.24
CA LYS B 325 0.61 6.49 -11.09
C LYS B 325 -0.35 7.41 -11.83
N ILE B 326 -0.07 8.71 -11.81
CA ILE B 326 -0.88 9.70 -12.51
C ILE B 326 -0.18 10.05 -13.82
N TRP B 327 -0.90 9.95 -14.92
CA TRP B 327 -0.29 10.04 -16.24
C TRP B 327 -0.79 11.28 -16.97
N ASN B 328 -0.11 11.64 -18.04
CA ASN B 328 -0.43 12.84 -18.80
C ASN B 328 0.24 12.82 -20.15
N VAL C 1 -21.93 20.21 16.83
CA VAL C 1 -20.60 20.22 17.42
C VAL C 1 -20.40 21.51 18.23
N GLN C 2 -19.66 21.39 19.34
CA GLN C 2 -19.46 22.53 20.23
C GLN C 2 -18.00 22.62 20.63
N LEU C 3 -17.51 23.86 20.73
CA LEU C 3 -16.17 24.15 21.22
C LEU C 3 -16.28 25.12 22.38
N VAL C 4 -15.69 24.77 23.52
CA VAL C 4 -15.75 25.58 24.74
C VAL C 4 -14.33 25.82 25.23
N GLU C 5 -14.07 27.02 25.73
CA GLU C 5 -12.75 27.40 26.18
C GLU C 5 -12.81 28.01 27.57
N SER C 6 -11.68 27.97 28.27
CA SER C 6 -11.58 28.50 29.62
C SER C 6 -10.18 29.10 29.79
N GLY C 7 -9.86 29.50 31.02
CA GLY C 7 -8.57 30.06 31.34
C GLY C 7 -8.52 31.57 31.45
N GLY C 8 -9.63 32.26 31.23
CA GLY C 8 -9.66 33.70 31.29
C GLY C 8 -9.69 34.24 32.71
N GLY C 9 -9.56 35.54 32.82
CA GLY C 9 -9.56 36.21 34.11
C GLY C 9 -8.67 37.45 34.06
N LEU C 10 -8.17 37.82 35.24
CA LEU C 10 -7.27 38.96 35.38
C LEU C 10 -5.97 38.50 36.04
N VAL C 11 -4.85 38.89 35.45
CA VAL C 11 -3.53 38.59 36.00
C VAL C 11 -2.72 39.88 36.00
N GLN C 12 -2.00 40.13 37.09
CA GLN C 12 -1.15 41.31 37.19
C GLN C 12 -0.03 41.24 36.16
N PRO C 13 0.50 42.39 35.73
CA PRO C 13 1.57 42.38 34.72
C PRO C 13 2.78 41.60 35.20
N GLY C 14 3.41 40.88 34.27
CA GLY C 14 4.54 40.04 34.60
C GLY C 14 4.19 38.67 35.11
N GLY C 15 2.90 38.37 35.29
CA GLY C 15 2.46 37.08 35.76
C GLY C 15 2.33 36.07 34.62
N SER C 16 1.77 34.92 34.97
CA SER C 16 1.55 33.85 34.01
C SER C 16 0.13 33.31 34.17
N ARG C 17 -0.45 32.92 33.04
CA ARG C 17 -1.80 32.37 33.04
C ARG C 17 -1.88 31.27 31.99
N LYS C 18 -2.64 30.22 32.30
CA LYS C 18 -2.80 29.06 31.45
C LYS C 18 -4.16 29.13 30.78
N LEU C 19 -4.18 28.95 29.46
CA LEU C 19 -5.39 29.10 28.67
C LEU C 19 -5.72 27.78 27.97
N SER C 20 -7.00 27.40 27.98
CA SER C 20 -7.45 26.12 27.47
C SER C 20 -8.74 26.27 26.68
N CYS C 21 -8.97 25.32 25.78
CA CYS C 21 -10.20 25.26 24.99
C CYS C 21 -10.64 23.80 24.88
N SER C 22 -11.64 23.42 25.68
CA SER C 22 -12.09 22.03 25.71
C SER C 22 -12.76 21.65 24.40
N ALA C 23 -12.67 20.37 24.05
CA ALA C 23 -13.20 19.83 22.81
C ALA C 23 -14.32 18.86 23.10
N SER C 24 -15.36 18.88 22.27
CA SER C 24 -16.45 17.92 22.39
C SER C 24 -17.13 17.75 21.05
N GLY C 25 -17.49 16.51 20.72
CA GLY C 25 -18.24 16.22 19.52
C GLY C 25 -17.43 16.11 18.24
N PHE C 26 -16.11 16.00 18.33
CA PHE C 26 -15.28 15.91 17.14
C PHE C 26 -13.93 15.32 17.52
N ALA C 27 -13.12 15.06 16.49
CA ALA C 27 -11.78 14.49 16.68
C ALA C 27 -10.75 15.61 16.64
N PHE C 28 -10.26 16.00 17.82
CA PHE C 28 -9.20 17.00 17.90
C PHE C 28 -7.92 16.53 17.23
N SER C 29 -7.69 15.22 17.20
CA SER C 29 -6.46 14.67 16.66
C SER C 29 -6.38 14.76 15.14
N SER C 30 -7.46 15.14 14.47
CA SER C 30 -7.45 15.26 13.02
C SER C 30 -7.67 16.70 12.54
N PHE C 31 -7.67 17.69 13.44
CA PHE C 31 -7.87 19.08 13.11
C PHE C 31 -6.66 19.92 13.49
N GLY C 32 -6.45 21.00 12.74
CA GLY C 32 -5.47 21.98 13.13
C GLY C 32 -5.96 22.76 14.33
N MET C 33 -5.29 23.89 14.58
CA MET C 33 -5.70 24.77 15.66
C MET C 33 -5.06 26.13 15.44
N HIS C 34 -5.84 27.20 15.64
CA HIS C 34 -5.36 28.55 15.44
C HIS C 34 -5.90 29.42 16.55
N TRP C 35 -5.26 30.57 16.74
CA TRP C 35 -5.69 31.50 17.78
C TRP C 35 -5.63 32.91 17.20
N VAL C 36 -6.75 33.63 17.30
CA VAL C 36 -6.89 34.99 16.78
C VAL C 36 -7.40 35.88 17.91
N ARG C 37 -6.71 36.99 18.14
CA ARG C 37 -7.09 37.91 19.20
C ARG C 37 -7.61 39.21 18.62
N GLN C 38 -8.62 39.78 19.26
CA GLN C 38 -9.23 41.02 18.82
C GLN C 38 -9.31 41.98 19.99
N ALA C 39 -8.85 43.21 19.78
CA ALA C 39 -8.96 44.22 20.82
C ALA C 39 -10.43 44.62 21.01
N PRO C 40 -10.78 45.15 22.18
CA PRO C 40 -12.18 45.54 22.42
C PRO C 40 -12.68 46.61 21.46
N GLU C 41 -11.78 47.37 20.82
CA GLU C 41 -12.19 48.40 19.88
C GLU C 41 -11.54 48.26 18.51
N LYS C 42 -10.72 47.24 18.28
CA LYS C 42 -10.01 47.07 17.03
C LYS C 42 -10.45 45.77 16.35
N GLY C 43 -9.76 45.43 15.27
CA GLY C 43 -10.03 44.21 14.53
C GLY C 43 -9.28 43.02 15.09
N LEU C 44 -9.33 41.92 14.33
CA LEU C 44 -8.69 40.69 14.78
C LEU C 44 -7.18 40.75 14.57
N GLU C 45 -6.48 39.90 15.32
CA GLU C 45 -5.03 39.77 15.23
C GLU C 45 -4.66 38.32 15.52
N TRP C 46 -4.06 37.66 14.54
CA TRP C 46 -3.72 36.25 14.67
C TRP C 46 -2.57 36.06 15.65
N VAL C 47 -2.55 34.87 16.28
CA VAL C 47 -1.59 34.59 17.34
C VAL C 47 -0.59 33.51 16.93
N ALA C 48 -1.08 32.31 16.65
CA ALA C 48 -0.19 31.18 16.39
C ALA C 48 -0.91 30.19 15.48
N TYR C 49 -0.42 28.95 15.45
CA TYR C 49 -1.01 27.87 14.67
C TYR C 49 -0.33 26.57 15.04
N ILE C 50 -1.09 25.48 15.09
CA ILE C 50 -0.56 24.15 15.34
C ILE C 50 -1.07 23.21 14.27
N SER C 51 -0.17 22.49 13.62
CA SER C 51 -0.59 21.47 12.69
C SER C 51 -1.11 20.28 13.48
N SER C 52 -1.46 19.20 12.79
CA SER C 52 -1.89 18.00 13.50
C SER C 52 -0.72 17.45 14.30
N GLY C 53 -1.01 16.99 15.52
CA GLY C 53 0.02 16.39 16.35
C GLY C 53 1.21 17.27 16.66
N SER C 54 1.07 18.58 16.54
CA SER C 54 2.15 19.53 16.82
C SER C 54 3.40 19.21 16.00
N GLY C 55 3.21 18.82 14.75
CA GLY C 55 4.35 18.66 13.86
C GLY C 55 5.03 19.98 13.54
N THR C 56 4.24 21.02 13.29
CA THR C 56 4.72 22.36 12.98
C THR C 56 4.06 23.35 13.91
N ILE C 57 4.84 24.32 14.40
CA ILE C 57 4.29 25.40 15.22
C ILE C 57 4.99 26.68 14.85
N TYR C 58 4.26 27.63 14.27
CA TYR C 58 4.76 28.96 14.00
C TYR C 58 4.26 29.94 15.06
N TYR C 59 4.72 31.18 14.93
CA TYR C 59 4.23 32.30 15.72
C TYR C 59 4.43 33.58 14.91
N ALA C 60 3.76 34.64 15.34
CA ALA C 60 4.01 35.95 14.77
C ALA C 60 5.32 36.51 15.31
N ASP C 61 5.71 37.67 14.78
CA ASP C 61 6.94 38.30 15.24
C ASP C 61 6.84 38.71 16.71
N THR C 62 5.69 39.23 17.12
CA THR C 62 5.53 39.74 18.47
C THR C 62 5.25 38.64 19.50
N VAL C 63 4.97 37.42 19.06
CA VAL C 63 4.61 36.35 19.98
C VAL C 63 5.57 35.18 19.81
N LYS C 64 6.72 35.42 19.19
CA LYS C 64 7.67 34.36 18.88
C LYS C 64 8.46 34.02 20.14
N GLY C 65 8.02 32.97 20.84
CA GLY C 65 8.74 32.48 21.99
C GLY C 65 8.10 32.81 23.33
N ARG C 66 7.57 34.02 23.45
CA ARG C 66 7.01 34.48 24.71
C ARG C 66 5.63 33.88 25.00
N PHE C 67 4.95 33.37 23.98
CA PHE C 67 3.71 32.61 24.14
C PHE C 67 3.87 31.29 23.41
N THR C 68 4.24 30.23 24.13
CA THR C 68 4.36 28.94 23.51
C THR C 68 3.04 28.17 23.60
N ILE C 69 2.94 27.12 22.78
CA ILE C 69 1.68 26.44 22.52
C ILE C 69 1.89 24.92 22.56
N SER C 70 0.79 24.19 22.73
CA SER C 70 0.82 22.73 22.77
C SER C 70 -0.59 22.20 22.50
N ARG C 71 -0.71 20.87 22.53
CA ARG C 71 -1.98 20.19 22.30
C ARG C 71 -1.96 18.84 23.01
N ASP C 72 -3.14 18.25 23.18
CA ASP C 72 -3.29 16.96 23.84
C ASP C 72 -4.33 16.13 23.09
N ASP C 73 -3.87 15.21 22.25
CA ASP C 73 -4.80 14.34 21.53
C ASP C 73 -5.59 13.41 22.43
N PRO C 74 -4.98 12.62 23.32
CA PRO C 74 -5.79 11.64 24.08
C PRO C 74 -6.86 12.27 24.94
N LYS C 75 -6.57 13.39 25.58
CA LYS C 75 -7.52 13.99 26.52
C LYS C 75 -8.37 15.07 25.90
N ASN C 76 -8.08 15.49 24.67
CA ASN C 76 -8.83 16.53 23.96
C ASN C 76 -8.85 17.84 24.76
N THR C 77 -7.71 18.18 25.36
CA THR C 77 -7.56 19.41 26.13
C THR C 77 -6.44 20.26 25.53
N LEU C 78 -6.72 21.55 25.38
CA LEU C 78 -5.80 22.49 24.75
C LEU C 78 -5.02 23.27 25.81
N PHE C 79 -3.78 23.59 25.50
CA PHE C 79 -2.90 24.34 26.40
C PHE C 79 -2.35 25.57 25.72
N LEU C 80 -2.30 26.68 26.45
CA LEU C 80 -1.65 27.90 26.00
C LEU C 80 -0.79 28.42 27.15
N GLN C 81 0.52 28.29 27.02
CA GLN C 81 1.45 28.75 28.05
C GLN C 81 1.78 30.22 27.81
N MET C 82 1.52 31.05 28.82
CA MET C 82 1.72 32.49 28.72
C MET C 82 2.46 32.97 29.94
N THR C 83 3.32 33.98 29.76
CA THR C 83 4.07 34.58 30.85
C THR C 83 4.38 36.02 30.53
N SER C 84 4.59 36.81 31.58
CA SER C 84 5.03 38.20 31.49
C SER C 84 4.10 39.00 30.56
N LEU C 85 2.84 39.11 30.97
CA LEU C 85 1.86 39.84 30.19
C LEU C 85 2.06 41.34 30.33
N ARG C 86 1.68 42.07 29.29
CA ARG C 86 1.69 43.53 29.27
C ARG C 86 0.30 44.06 28.89
N SER C 87 0.20 45.38 28.82
CA SER C 87 -1.11 46.00 28.58
C SER C 87 -1.62 45.75 27.17
N GLU C 88 -0.72 45.56 26.20
CA GLU C 88 -1.11 45.40 24.81
C GLU C 88 -1.49 43.97 24.46
N ASP C 89 -1.40 43.03 25.41
CA ASP C 89 -1.75 41.65 25.14
C ASP C 89 -3.21 41.33 25.42
N THR C 90 -3.95 42.24 26.06
CA THR C 90 -5.35 41.97 26.38
C THR C 90 -6.19 42.05 25.10
N ALA C 91 -7.02 41.02 24.90
CA ALA C 91 -7.85 40.90 23.70
C ALA C 91 -8.77 39.72 23.88
N MET C 92 -9.65 39.53 22.90
CA MET C 92 -10.54 38.38 22.89
C MET C 92 -9.87 37.25 22.12
N TYR C 93 -9.38 36.26 22.85
CA TYR C 93 -8.67 35.12 22.28
C TYR C 93 -9.73 34.12 21.83
N TYR C 94 -9.78 33.84 20.53
CA TYR C 94 -10.87 33.06 19.97
C TYR C 94 -10.39 31.67 19.61
N CYS C 95 -11.01 30.66 20.22
CA CYS C 95 -10.73 29.26 19.91
C CYS C 95 -11.24 28.98 18.51
N VAL C 96 -10.35 29.01 17.54
CA VAL C 96 -10.71 28.84 16.13
C VAL C 96 -10.21 27.50 15.66
N ARG C 97 -11.06 26.81 14.92
CA ARG C 97 -10.77 25.49 14.37
C ARG C 97 -10.58 25.64 12.87
N SER C 98 -10.02 24.62 12.22
CA SER C 98 -9.86 24.63 10.78
C SER C 98 -9.32 23.29 10.31
N ILE C 99 -9.35 23.09 9.01
CA ILE C 99 -8.69 21.96 8.38
C ILE C 99 -8.12 22.42 7.05
N TYR C 100 -7.11 21.69 6.55
CA TYR C 100 -6.33 22.16 5.39
C TYR C 100 -6.15 21.05 4.38
N TYR C 101 -6.91 21.11 3.30
CA TYR C 101 -6.67 20.29 2.11
C TYR C 101 -7.56 20.87 1.02
N TYR C 102 -7.62 20.19 -0.12
CA TYR C 102 -8.54 20.66 -1.15
C TYR C 102 -9.97 20.55 -0.66
N GLY C 103 -10.74 21.60 -0.91
CA GLY C 103 -12.10 21.65 -0.40
C GLY C 103 -12.19 22.11 1.03
N SER C 104 -11.12 22.64 1.59
CA SER C 104 -11.11 23.01 2.99
C SER C 104 -12.10 24.14 3.26
N SER C 105 -12.41 24.33 4.54
CA SER C 105 -13.17 25.48 5.01
C SER C 105 -12.51 26.07 6.25
N PRO C 106 -11.33 26.67 6.11
CA PRO C 106 -10.62 27.16 7.29
C PRO C 106 -11.44 28.17 8.07
N PHE C 107 -11.23 28.17 9.40
CA PHE C 107 -11.88 29.11 10.31
C PHE C 107 -13.39 28.96 10.30
N ASP C 108 -13.87 27.73 10.08
CA ASP C 108 -15.31 27.51 9.90
C ASP C 108 -16.07 27.62 11.20
N PHE C 109 -15.69 26.89 12.24
CA PHE C 109 -16.42 26.90 13.49
C PHE C 109 -15.57 27.50 14.59
N TRP C 110 -16.16 28.42 15.33
CA TRP C 110 -15.44 29.23 16.29
C TRP C 110 -15.99 29.02 17.69
N GLY C 111 -15.10 29.13 18.67
CA GLY C 111 -15.52 29.10 20.05
C GLY C 111 -16.09 30.43 20.50
N GLN C 112 -16.57 30.45 21.74
CA GLN C 112 -17.12 31.68 22.30
C GLN C 112 -16.07 32.77 22.41
N GLY C 113 -14.86 32.41 22.79
CA GLY C 113 -13.81 33.38 23.05
C GLY C 113 -13.56 33.56 24.54
N THR C 114 -12.40 34.12 24.86
CA THR C 114 -11.99 34.30 26.25
C THR C 114 -11.83 35.78 26.55
N THR C 115 -12.30 36.18 27.73
CA THR C 115 -12.11 37.53 28.24
C THR C 115 -10.94 37.50 29.22
N LEU C 116 -9.81 38.09 28.82
CA LEU C 116 -8.62 38.13 29.65
C LEU C 116 -8.06 39.54 29.61
N THR C 117 -8.05 40.21 30.76
CA THR C 117 -7.56 41.57 30.84
C THR C 117 -6.43 41.68 31.87
N ILE C 137 2.49 41.62 4.76
CA ILE C 137 1.55 42.32 3.89
C ILE C 137 0.57 43.13 4.72
N VAL C 138 0.48 44.42 4.41
CA VAL C 138 -0.41 45.34 5.13
C VAL C 138 -1.77 45.34 4.45
N MET C 139 -2.82 45.17 5.25
CA MET C 139 -4.18 45.09 4.74
C MET C 139 -5.01 46.20 5.38
N THR C 140 -5.69 46.98 4.55
CA THR C 140 -6.50 48.10 5.02
C THR C 140 -7.84 48.10 4.29
N GLN C 141 -8.89 48.43 5.04
CA GLN C 141 -10.25 48.43 4.54
C GLN C 141 -10.69 49.86 4.26
N ALA C 142 -11.47 50.03 3.18
CA ALA C 142 -11.72 51.36 2.64
C ALA C 142 -12.50 52.23 3.62
N THR C 143 -13.64 51.74 4.10
CA THR C 143 -14.55 52.52 4.93
C THR C 143 -14.79 51.81 6.25
N SER C 144 -14.72 52.56 7.36
CA SER C 144 -14.93 51.97 8.67
C SER C 144 -16.40 51.63 8.90
N SER C 145 -17.31 52.54 8.58
CA SER C 145 -18.73 52.35 8.86
C SER C 145 -19.57 52.81 7.69
N VAL C 146 -20.57 52.00 7.33
CA VAL C 146 -21.50 52.31 6.24
C VAL C 146 -22.93 52.00 6.69
N PRO C 147 -23.83 52.97 6.70
CA PRO C 147 -25.23 52.68 7.05
C PRO C 147 -25.90 51.84 5.96
N VAL C 148 -26.93 51.08 6.37
CA VAL C 148 -27.69 50.23 5.46
C VAL C 148 -29.17 50.48 5.64
N THR C 149 -29.93 50.14 4.60
CA THR C 149 -31.39 50.21 4.63
C THR C 149 -31.99 48.94 4.03
N PRO C 150 -33.07 48.42 4.63
CA PRO C 150 -33.63 47.15 4.15
C PRO C 150 -34.07 47.23 2.70
N GLY C 151 -33.82 46.13 1.98
CA GLY C 151 -34.25 46.01 0.60
C GLY C 151 -33.36 46.67 -0.42
N GLU C 152 -32.28 47.34 0.00
CA GLU C 152 -31.36 47.97 -0.93
C GLU C 152 -30.15 47.06 -1.15
N SER C 153 -29.24 47.51 -1.99
CA SER C 153 -28.01 46.79 -2.26
C SER C 153 -26.81 47.66 -1.91
N VAL C 154 -25.94 47.14 -1.05
CA VAL C 154 -24.73 47.83 -0.63
C VAL C 154 -23.56 46.89 -0.78
N SER C 155 -22.41 47.43 -1.18
CA SER C 155 -21.21 46.64 -1.41
C SER C 155 -20.06 47.24 -0.60
N ILE C 156 -19.15 46.38 -0.17
CA ILE C 156 -17.95 46.79 0.54
C ILE C 156 -16.74 46.27 -0.23
N SER C 157 -15.74 47.13 -0.38
CA SER C 157 -14.54 46.81 -1.16
C SER C 157 -13.36 46.55 -0.24
N CYS C 158 -12.42 45.76 -0.74
CA CYS C 158 -11.22 45.43 0.03
C CYS C 158 -10.01 45.50 -0.88
N ARG C 159 -8.95 46.16 -0.40
CA ARG C 159 -7.75 46.38 -1.18
C ARG C 159 -6.54 45.79 -0.46
N SER C 160 -5.65 45.18 -1.23
CA SER C 160 -4.45 44.54 -0.70
C SER C 160 -3.21 45.17 -1.33
N SER C 161 -2.15 45.24 -0.53
CA SER C 161 -0.92 45.87 -1.00
C SER C 161 -0.30 45.09 -2.15
N LYS C 162 -0.30 43.77 -2.08
CA LYS C 162 0.30 42.92 -3.09
C LYS C 162 -0.73 41.94 -3.63
N SER C 163 -0.58 41.56 -4.89
CA SER C 163 -1.46 40.59 -5.51
C SER C 163 -1.49 39.31 -4.69
N LEU C 164 -2.71 38.85 -4.37
CA LEU C 164 -2.87 37.64 -3.56
C LEU C 164 -2.93 36.37 -4.39
N LEU C 165 -2.96 36.47 -5.71
CA LEU C 165 -3.02 35.29 -6.55
C LEU C 165 -1.68 34.56 -6.44
N HIS C 166 -1.73 33.31 -6.01
CA HIS C 166 -0.56 32.47 -5.89
C HIS C 166 -0.41 31.61 -7.14
N SER C 167 0.71 30.88 -7.21
CA SER C 167 0.99 30.07 -8.40
C SER C 167 -0.03 28.98 -8.63
N ASN C 168 -0.74 28.54 -7.59
CA ASN C 168 -1.78 27.54 -7.74
C ASN C 168 -3.13 28.14 -8.11
N GLY C 169 -3.23 29.46 -8.21
CA GLY C 169 -4.47 30.10 -8.58
C GLY C 169 -5.46 30.31 -7.45
N ASN C 170 -5.09 29.97 -6.22
CA ASN C 170 -5.99 30.04 -5.09
C ASN C 170 -5.84 31.41 -4.44
N THR C 171 -6.90 32.20 -4.44
CA THR C 171 -6.84 33.54 -3.88
C THR C 171 -7.04 33.45 -2.38
N TYR C 172 -5.97 33.66 -1.61
CA TYR C 172 -6.01 33.44 -0.17
C TYR C 172 -6.68 34.62 0.53
N LEU C 173 -7.91 34.88 0.12
CA LEU C 173 -8.72 35.96 0.67
C LEU C 173 -9.95 35.39 1.37
N TYR C 174 -10.24 35.91 2.54
CA TYR C 174 -11.42 35.50 3.29
C TYR C 174 -12.19 36.73 3.76
N TRP C 175 -13.51 36.59 3.82
CA TRP C 175 -14.38 37.60 4.42
C TRP C 175 -15.03 36.98 5.65
N PHE C 176 -14.95 37.68 6.78
CA PHE C 176 -15.53 37.20 8.02
C PHE C 176 -16.58 38.18 8.52
N LEU C 177 -17.66 37.64 9.08
CA LEU C 177 -18.73 38.44 9.66
C LEU C 177 -19.00 38.00 11.08
N GLN C 178 -19.00 38.97 11.99
CA GLN C 178 -19.26 38.75 13.40
C GLN C 178 -20.55 39.46 13.78
N ARG C 179 -21.57 38.69 14.11
CA ARG C 179 -22.77 39.29 14.69
C ARG C 179 -22.39 40.00 15.99
N PRO C 180 -22.98 41.16 16.27
CA PRO C 180 -22.61 41.91 17.49
C PRO C 180 -22.78 41.10 18.75
N GLY C 181 -21.67 40.81 19.44
CA GLY C 181 -21.70 40.06 20.67
C GLY C 181 -21.68 38.55 20.53
N GLN C 182 -21.48 38.03 19.32
CA GLN C 182 -21.46 36.59 19.09
C GLN C 182 -20.22 36.22 18.28
N SER C 183 -19.88 34.93 18.33
CA SER C 183 -18.73 34.45 17.59
C SER C 183 -18.98 34.54 16.09
N PRO C 184 -17.96 34.91 15.32
CA PRO C 184 -18.14 35.09 13.87
C PRO C 184 -18.24 33.75 13.15
N GLN C 185 -18.57 33.84 11.87
CA GLN C 185 -18.75 32.67 11.02
C GLN C 185 -17.96 32.85 9.73
N LEU C 186 -17.79 31.76 9.01
CA LEU C 186 -17.25 31.82 7.67
C LEU C 186 -18.36 32.10 6.68
N LEU C 187 -18.16 33.11 5.82
CA LEU C 187 -19.17 33.50 4.84
C LEU C 187 -18.71 33.20 3.42
N ILE C 188 -17.58 33.74 2.99
CA ILE C 188 -16.98 33.40 1.71
C ILE C 188 -15.50 33.15 1.92
N TYR C 189 -15.04 31.99 1.48
CA TYR C 189 -13.64 31.64 1.53
C TYR C 189 -13.09 31.56 0.10
N ARG C 190 -11.80 31.89 -0.04
CA ARG C 190 -11.09 31.98 -1.31
C ARG C 190 -11.59 33.13 -2.18
N MET C 191 -12.42 34.01 -1.63
CA MET C 191 -12.99 35.19 -2.29
C MET C 191 -13.93 34.84 -3.44
N SER C 192 -14.12 33.56 -3.74
CA SER C 192 -14.99 33.13 -4.83
C SER C 192 -15.90 31.96 -4.48
N ASN C 193 -15.68 31.28 -3.35
CA ASN C 193 -16.48 30.14 -2.95
C ASN C 193 -17.29 30.48 -1.70
N LEU C 194 -18.54 30.02 -1.69
CA LEU C 194 -19.51 30.35 -0.66
C LEU C 194 -19.53 29.26 0.40
N ALA C 195 -19.46 29.67 1.67
CA ALA C 195 -19.46 28.71 2.76
C ALA C 195 -20.84 28.07 2.92
N SER C 196 -20.87 26.94 3.62
CA SER C 196 -22.11 26.24 3.90
C SER C 196 -22.76 26.79 5.17
N GLY C 197 -24.09 26.73 5.21
CA GLY C 197 -24.86 27.27 6.31
C GLY C 197 -25.23 28.73 6.17
N VAL C 198 -24.73 29.41 5.14
CA VAL C 198 -25.04 30.81 4.88
C VAL C 198 -26.42 30.91 4.25
N PRO C 199 -27.08 32.08 4.27
CA PRO C 199 -28.39 32.21 3.63
C PRO C 199 -28.36 32.10 2.11
N ASP C 200 -27.20 31.86 1.50
CA ASP C 200 -27.08 31.70 0.04
C ASP C 200 -27.51 32.96 -0.70
N ARG C 201 -27.05 34.11 -0.24
CA ARG C 201 -27.30 35.37 -0.92
C ARG C 201 -26.03 36.15 -1.22
N PHE C 202 -25.02 36.05 -0.37
CA PHE C 202 -23.82 36.86 -0.52
C PHE C 202 -22.97 36.34 -1.68
N SER C 203 -22.14 37.22 -2.23
CA SER C 203 -21.26 36.88 -3.33
C SER C 203 -20.15 37.91 -3.41
N GLY C 204 -19.02 37.51 -4.02
CA GLY C 204 -17.92 38.42 -4.23
C GLY C 204 -17.20 38.11 -5.52
N SER C 205 -16.51 39.14 -6.04
CA SER C 205 -15.74 38.99 -7.27
C SER C 205 -14.70 40.10 -7.34
N GLY C 206 -13.73 39.90 -8.21
CA GLY C 206 -12.70 40.90 -8.44
C GLY C 206 -11.49 40.29 -9.10
N SER C 207 -10.41 41.09 -9.13
CA SER C 207 -9.13 40.63 -9.63
C SER C 207 -8.03 40.92 -8.62
N GLY C 208 -6.78 40.69 -9.00
CA GLY C 208 -5.66 40.81 -8.08
C GLY C 208 -5.60 42.14 -7.36
N THR C 209 -5.63 42.10 -6.03
CA THR C 209 -5.61 43.27 -5.15
C THR C 209 -6.82 44.17 -5.34
N ALA C 210 -7.78 43.79 -6.18
CA ALA C 210 -8.99 44.56 -6.42
C ALA C 210 -10.19 43.65 -6.19
N PHE C 211 -10.80 43.77 -5.01
CA PHE C 211 -11.89 42.90 -4.61
C PHE C 211 -12.93 43.69 -3.85
N THR C 212 -14.16 43.21 -3.92
CA THR C 212 -15.26 43.81 -3.17
C THR C 212 -16.28 42.74 -2.83
N LEU C 213 -17.03 42.97 -1.76
CA LEU C 213 -18.09 42.07 -1.32
C LEU C 213 -19.43 42.68 -1.67
N THR C 214 -20.22 41.94 -2.45
CA THR C 214 -21.53 42.39 -2.90
C THR C 214 -22.62 41.67 -2.13
N ILE C 215 -23.51 42.45 -1.52
CA ILE C 215 -24.65 41.93 -0.78
C ILE C 215 -25.88 42.12 -1.65
N SER C 216 -26.52 41.01 -2.03
CA SER C 216 -27.69 41.05 -2.91
C SER C 216 -28.93 40.82 -2.08
N ARG C 217 -29.86 41.78 -2.15
CA ARG C 217 -31.11 41.72 -1.40
C ARG C 217 -30.84 41.55 0.10
N LEU C 218 -30.20 42.57 0.68
CA LEU C 218 -29.90 42.51 2.11
C LEU C 218 -31.20 42.38 2.90
N GLU C 219 -31.13 41.68 4.03
CA GLU C 219 -32.32 41.33 4.80
C GLU C 219 -32.04 41.62 6.27
N ALA C 220 -32.95 41.16 7.13
CA ALA C 220 -32.77 41.36 8.55
C ALA C 220 -31.65 40.47 9.09
N GLU C 221 -31.15 40.82 10.26
CA GLU C 221 -30.08 40.12 10.97
C GLU C 221 -28.76 40.12 10.21
N ASP C 222 -28.63 40.96 9.18
CA ASP C 222 -27.36 41.12 8.48
C ASP C 222 -26.49 42.22 9.04
N VAL C 223 -26.95 42.90 10.11
CA VAL C 223 -26.12 43.91 10.75
C VAL C 223 -24.94 43.25 11.42
N GLY C 224 -23.75 43.76 11.15
CA GLY C 224 -22.54 43.14 11.69
C GLY C 224 -21.30 43.82 11.14
N VAL C 225 -20.16 43.16 11.34
CA VAL C 225 -18.87 43.69 10.95
C VAL C 225 -18.20 42.71 10.00
N TYR C 226 -17.74 43.20 8.86
CA TYR C 226 -17.10 42.36 7.87
C TYR C 226 -15.59 42.54 7.91
N TYR C 227 -14.87 41.41 7.89
CA TYR C 227 -13.42 41.39 8.04
C TYR C 227 -12.78 40.80 6.80
N CYS C 228 -11.70 41.44 6.34
CA CYS C 228 -11.00 41.06 5.11
C CYS C 228 -9.54 40.77 5.46
N MET C 229 -9.16 39.50 5.37
CA MET C 229 -7.84 39.05 5.82
C MET C 229 -7.12 38.31 4.70
N GLN C 230 -5.80 38.36 4.76
CA GLN C 230 -4.94 37.71 3.79
C GLN C 230 -4.45 36.37 4.32
N HIS C 231 -4.05 35.50 3.41
CA HIS C 231 -3.36 34.28 3.79
C HIS C 231 -2.23 33.92 2.83
N LEU C 232 -1.86 34.83 1.93
CA LEU C 232 -0.84 34.53 0.93
C LEU C 232 0.48 34.14 1.58
N GLU C 233 1.09 35.09 2.29
CA GLU C 233 2.32 34.86 3.04
C GLU C 233 1.91 34.27 4.38
N TYR C 234 2.80 34.28 5.36
CA TYR C 234 2.27 33.80 6.62
C TYR C 234 2.58 34.77 7.76
N PRO C 235 2.08 36.00 7.73
CA PRO C 235 1.98 36.77 8.97
C PRO C 235 0.57 36.77 9.54
N LEU C 236 -0.40 36.31 8.75
CA LEU C 236 -1.83 36.30 9.10
C LEU C 236 -2.28 37.63 9.70
N THR C 237 -2.26 38.66 8.85
CA THR C 237 -2.73 39.99 9.22
C THR C 237 -4.12 40.23 8.68
N PHE C 238 -4.95 40.89 9.49
CA PHE C 238 -6.34 41.18 9.15
C PHE C 238 -6.52 42.63 8.71
N GLY C 239 -7.74 42.95 8.30
CA GLY C 239 -8.09 44.30 7.92
C GLY C 239 -8.37 45.19 9.12
N ALA C 240 -8.61 46.46 8.82
CA ALA C 240 -8.85 47.45 9.87
C ALA C 240 -10.28 47.42 10.40
N GLY C 241 -11.17 46.65 9.80
CA GLY C 241 -12.53 46.57 10.26
C GLY C 241 -13.50 47.27 9.33
N THR C 242 -14.75 46.81 9.33
CA THR C 242 -15.81 47.40 8.54
C THR C 242 -17.11 47.28 9.33
N LYS C 243 -17.68 48.42 9.72
CA LYS C 243 -18.88 48.42 10.53
C LYS C 243 -20.11 48.66 9.67
N LEU C 244 -21.17 47.90 9.94
CA LEU C 244 -22.45 48.09 9.28
C LEU C 244 -23.54 48.22 10.34
N GLU C 245 -24.37 49.25 10.21
CA GLU C 245 -25.41 49.54 11.17
C GLU C 245 -26.72 49.84 10.46
N LEU C 246 -27.83 49.49 11.12
CA LEU C 246 -29.15 49.75 10.58
C LEU C 246 -29.44 51.25 10.53
N GLN D 1 -42.03 -11.48 -21.76
CA GLN D 1 -40.64 -11.11 -21.56
C GLN D 1 -39.81 -11.07 -22.83
N LEU D 2 -39.70 -12.21 -23.50
CA LEU D 2 -38.91 -12.25 -24.73
C LEU D 2 -39.57 -11.42 -25.83
N LYS D 3 -40.89 -11.31 -25.81
CA LYS D 3 -41.59 -10.59 -26.86
C LYS D 3 -41.29 -9.10 -26.82
N MET D 4 -41.29 -8.51 -25.61
CA MET D 4 -41.13 -7.06 -25.51
C MET D 4 -39.76 -6.61 -26.02
N GLU D 5 -38.72 -7.39 -25.75
CA GLU D 5 -37.42 -7.08 -26.35
C GLU D 5 -37.40 -7.48 -27.83
N ALA D 6 -38.19 -8.48 -28.22
CA ALA D 6 -38.21 -8.90 -29.61
C ALA D 6 -38.70 -7.80 -30.54
N ASN D 7 -39.72 -7.05 -30.10
CA ASN D 7 -40.29 -5.97 -30.91
C ASN D 7 -39.73 -4.62 -30.44
N ILE D 8 -38.61 -4.22 -31.03
CA ILE D 8 -37.95 -2.97 -30.70
C ILE D 8 -37.66 -2.20 -31.98
N ASP D 9 -37.47 -0.89 -31.82
CA ASP D 9 -37.14 -0.01 -32.93
C ASP D 9 -35.65 -0.17 -33.27
N ARG D 10 -35.37 -0.59 -34.50
CA ARG D 10 -34.01 -0.84 -34.93
C ARG D 10 -33.70 -0.05 -36.19
N ILE D 11 -32.49 0.48 -36.25
CA ILE D 11 -32.02 1.31 -37.36
C ILE D 11 -30.83 0.63 -38.02
N LYS D 12 -30.47 1.13 -39.19
CA LYS D 12 -29.28 0.64 -39.87
C LYS D 12 -28.03 1.14 -39.17
N VAL D 13 -26.97 0.35 -39.24
CA VAL D 13 -25.73 0.69 -38.53
C VAL D 13 -25.03 1.86 -39.21
N SER D 14 -25.45 2.19 -40.43
CA SER D 14 -24.74 3.21 -41.21
C SER D 14 -24.82 4.58 -40.53
N LYS D 15 -26.03 5.04 -40.20
CA LYS D 15 -26.16 6.38 -39.62
C LYS D 15 -25.67 6.41 -38.18
N ALA D 16 -25.77 5.28 -37.47
CA ALA D 16 -25.17 5.22 -36.14
C ALA D 16 -23.66 5.43 -36.22
N ALA D 17 -23.01 4.73 -37.15
CA ALA D 17 -21.57 4.90 -37.34
C ALA D 17 -21.25 6.32 -37.76
N ALA D 18 -22.08 6.90 -38.63
CA ALA D 18 -21.87 8.28 -39.04
C ALA D 18 -21.97 9.23 -37.86
N ASP D 19 -22.92 8.98 -36.96
CA ASP D 19 -23.05 9.81 -35.75
C ASP D 19 -21.80 9.72 -34.89
N LEU D 20 -21.30 8.50 -34.68
CA LEU D 20 -20.09 8.35 -33.87
C LEU D 20 -18.91 9.08 -34.51
N MET D 21 -18.73 8.91 -35.83
CA MET D 21 -17.64 9.60 -36.51
C MET D 21 -17.80 11.11 -36.44
N ALA D 22 -19.03 11.62 -36.57
CA ALA D 22 -19.24 13.06 -36.53
C ALA D 22 -18.89 13.63 -35.16
N TYR D 23 -19.34 12.97 -34.09
CA TYR D 23 -18.99 13.45 -32.75
C TYR D 23 -17.48 13.36 -32.54
N CYS D 24 -16.86 12.28 -33.00
CA CYS D 24 -15.42 12.13 -32.83
C CYS D 24 -14.66 13.23 -33.57
N GLU D 25 -15.05 13.52 -34.82
CA GLU D 25 -14.33 14.55 -35.56
C GLU D 25 -14.64 15.95 -35.07
N ALA D 26 -15.81 16.17 -34.47
CA ALA D 26 -16.13 17.49 -33.94
C ALA D 26 -15.35 17.75 -32.65
N HIS D 27 -15.17 16.74 -31.82
CA HIS D 27 -14.47 16.92 -30.55
C HIS D 27 -13.03 16.43 -30.58
N ALA D 28 -12.51 16.03 -31.74
CA ALA D 28 -11.11 15.63 -31.81
C ALA D 28 -10.18 16.76 -31.44
N LYS D 29 -10.63 18.01 -31.55
CA LYS D 29 -9.84 19.15 -31.12
C LYS D 29 -9.69 19.22 -29.61
N GLU D 30 -10.49 18.46 -28.86
CA GLU D 30 -10.46 18.54 -27.40
C GLU D 30 -10.17 17.20 -26.72
N ASP D 31 -9.15 16.46 -27.19
CA ASP D 31 -8.60 15.32 -26.46
C ASP D 31 -7.24 15.70 -25.92
N PRO D 32 -7.16 16.30 -24.72
CA PRO D 32 -5.85 16.69 -24.19
C PRO D 32 -4.89 15.53 -24.10
N LEU D 33 -5.39 14.31 -23.94
CA LEU D 33 -4.53 13.14 -24.04
C LEU D 33 -3.96 13.02 -25.46
N LEU D 34 -4.77 13.28 -26.48
CA LEU D 34 -4.35 12.99 -27.85
C LEU D 34 -3.52 14.13 -28.43
N THR D 35 -4.10 15.31 -28.55
CA THR D 35 -3.35 16.44 -29.06
C THR D 35 -2.38 16.93 -28.00
N PRO D 36 -1.08 17.02 -28.30
CA PRO D 36 -0.10 17.41 -27.27
C PRO D 36 -0.24 18.87 -26.87
N VAL D 37 -0.79 19.10 -25.68
CA VAL D 37 -0.99 20.45 -25.16
C VAL D 37 0.34 20.99 -24.67
N PRO D 38 0.69 22.24 -24.99
CA PRO D 38 1.96 22.80 -24.51
C PRO D 38 2.02 22.83 -22.99
N ALA D 39 3.22 22.63 -22.46
CA ALA D 39 3.42 22.46 -21.03
C ALA D 39 3.16 23.72 -20.22
N SER D 40 2.88 24.85 -20.87
CA SER D 40 2.61 26.06 -20.11
C SER D 40 1.27 25.99 -19.40
N GLU D 41 0.38 25.08 -19.79
CA GLU D 41 -0.96 25.02 -19.25
C GLU D 41 -1.36 23.63 -18.76
N ASN D 42 -0.40 22.79 -18.36
CA ASN D 42 -0.72 21.51 -17.75
C ASN D 42 -0.26 21.52 -16.29
N PRO D 43 -1.15 21.43 -15.32
CA PRO D 43 -0.75 21.57 -13.91
C PRO D 43 -0.08 20.35 -13.31
N PHE D 44 0.29 19.36 -14.12
CA PHE D 44 1.07 18.22 -13.65
C PHE D 44 2.57 18.42 -13.85
N ARG D 45 2.97 19.55 -14.40
CA ARG D 45 4.36 19.83 -14.70
C ARG D 45 5.21 19.98 -13.45
N TYR E 1 57.85 -6.62 -15.35
CA TYR E 1 57.56 -7.32 -14.11
C TYR E 1 56.57 -6.52 -13.26
N GLN E 2 56.93 -5.29 -12.93
CA GLN E 2 56.06 -4.45 -12.12
C GLN E 2 54.73 -4.19 -12.82
N VAL E 3 54.72 -4.17 -14.15
CA VAL E 3 53.49 -3.93 -14.88
C VAL E 3 52.48 -5.04 -14.62
N ILE E 4 52.94 -6.29 -14.51
CA ILE E 4 52.03 -7.40 -14.23
C ILE E 4 51.40 -7.25 -12.86
N THR E 5 52.21 -6.90 -11.86
CA THR E 5 51.67 -6.67 -10.52
C THR E 5 50.65 -5.54 -10.55
N SER E 6 50.96 -4.46 -11.25
CA SER E 6 50.05 -3.33 -11.31
C SER E 6 48.73 -3.72 -11.95
N LEU E 7 48.77 -4.43 -13.08
CA LEU E 7 47.55 -4.81 -13.76
C LEU E 7 46.72 -5.78 -12.92
N LEU E 8 47.38 -6.73 -12.25
CA LEU E 8 46.64 -7.66 -11.42
C LEU E 8 45.95 -6.95 -10.27
N LEU E 9 46.67 -6.05 -9.59
CA LEU E 9 46.06 -5.32 -8.48
C LEU E 9 44.92 -4.43 -8.95
N GLY E 10 45.08 -3.81 -10.13
CA GLY E 10 44.00 -3.02 -10.67
C GLY E 10 42.77 -3.86 -10.97
N THR E 11 42.97 -5.05 -11.53
CA THR E 11 41.84 -5.94 -11.79
C THR E 11 41.12 -6.30 -10.51
N LEU E 12 41.89 -6.63 -9.46
CA LEU E 12 41.28 -7.01 -8.19
C LEU E 12 40.49 -5.85 -7.60
N ILE E 13 41.07 -4.65 -7.61
CA ILE E 13 40.38 -3.51 -7.02
C ILE E 13 39.11 -3.17 -7.81
N PHE E 14 39.18 -3.27 -9.14
CA PHE E 14 38.01 -3.03 -9.97
C PHE E 14 36.90 -4.02 -9.65
N CYS E 15 37.25 -5.30 -9.53
CA CYS E 15 36.25 -6.31 -9.18
C CYS E 15 35.62 -6.01 -7.82
N ALA E 16 36.45 -5.64 -6.84
CA ALA E 16 35.95 -5.37 -5.51
C ALA E 16 34.96 -4.20 -5.51
N VAL E 17 35.36 -3.08 -6.11
CA VAL E 17 34.48 -1.91 -6.12
C VAL E 17 33.20 -2.20 -6.90
N LEU E 18 33.32 -2.93 -8.01
CA LEU E 18 32.15 -3.24 -8.83
C LEU E 18 31.15 -4.08 -8.06
N GLY E 19 31.60 -5.19 -7.46
CA GLY E 19 30.68 -6.05 -6.75
C GLY E 19 30.04 -5.35 -5.57
N ASN E 20 30.84 -4.68 -4.75
CA ASN E 20 30.29 -4.01 -3.58
C ASN E 20 29.34 -2.90 -3.95
N ALA E 21 29.54 -2.23 -5.08
CA ALA E 21 28.59 -1.21 -5.52
C ALA E 21 27.31 -1.80 -6.08
N CYS E 22 27.42 -2.86 -6.88
CA CYS E 22 26.25 -3.45 -7.48
C CYS E 22 25.31 -4.03 -6.44
N VAL E 23 25.85 -4.63 -5.38
CA VAL E 23 24.98 -5.19 -4.34
C VAL E 23 24.12 -4.09 -3.72
N VAL E 24 24.75 -2.96 -3.37
CA VAL E 24 24.00 -1.90 -2.72
C VAL E 24 23.01 -1.27 -3.69
N ALA E 25 23.39 -1.14 -4.97
CA ALA E 25 22.46 -0.60 -5.95
C ALA E 25 21.23 -1.47 -6.10
N ALA E 26 21.42 -2.79 -6.14
CA ALA E 26 20.29 -3.71 -6.24
C ALA E 26 19.40 -3.66 -5.01
N ILE E 27 19.99 -3.57 -3.82
CA ILE E 27 19.18 -3.53 -2.61
C ILE E 27 18.41 -2.21 -2.52
N ALA E 28 19.02 -1.12 -2.93
CA ALA E 28 18.44 0.20 -2.70
C ALA E 28 17.37 0.60 -3.73
N LEU E 29 17.12 -0.22 -4.74
CA LEU E 29 16.18 0.13 -5.80
C LEU E 29 14.99 -0.80 -5.90
N GLU E 30 14.75 -1.64 -4.90
CA GLU E 30 13.60 -2.55 -4.90
C GLU E 30 12.93 -2.53 -3.54
N ARG E 31 11.66 -2.96 -3.53
CA ARG E 31 10.90 -3.07 -2.29
C ARG E 31 10.76 -4.50 -1.80
N SER E 32 11.10 -5.48 -2.62
CA SER E 32 11.03 -6.88 -2.21
C SER E 32 12.33 -7.38 -1.58
N LEU E 33 13.31 -6.50 -1.41
CA LEU E 33 14.62 -6.86 -0.88
C LEU E 33 14.98 -5.97 0.29
N GLN E 34 14.02 -5.67 1.15
CA GLN E 34 14.24 -4.77 2.26
C GLN E 34 13.81 -5.40 3.58
N ASN E 35 14.06 -6.70 3.74
CA ASN E 35 13.85 -7.37 5.02
C ASN E 35 15.18 -7.43 5.77
N VAL E 36 15.10 -7.86 7.04
CA VAL E 36 16.19 -7.63 7.99
C VAL E 36 17.47 -8.33 7.53
N ALA E 37 17.35 -9.58 7.08
CA ALA E 37 18.53 -10.29 6.62
C ALA E 37 19.21 -9.55 5.48
N ASN E 38 18.42 -9.01 4.56
CA ASN E 38 19.05 -8.36 3.41
C ASN E 38 19.62 -7.00 3.78
N TYR E 39 19.08 -6.37 4.83
CA TYR E 39 19.74 -5.20 5.40
C TYR E 39 21.12 -5.55 5.92
N LEU E 40 21.24 -6.66 6.65
CA LEU E 40 22.56 -7.06 7.14
C LEU E 40 23.53 -7.31 6.00
N ILE E 41 23.06 -8.02 4.97
CA ILE E 41 23.95 -8.32 3.83
C ILE E 41 24.39 -7.03 3.14
N GLY E 42 23.46 -6.10 2.95
CA GLY E 42 23.82 -4.85 2.31
C GLY E 42 24.81 -4.03 3.11
N SER E 43 24.64 -4.01 4.43
CA SER E 43 25.57 -3.25 5.27
C SER E 43 26.97 -3.84 5.22
N LEU E 44 27.06 -5.18 5.26
CA LEU E 44 28.35 -5.81 5.03
C LEU E 44 28.94 -5.38 3.69
N ALA E 45 28.11 -5.29 2.66
CA ALA E 45 28.60 -4.91 1.34
C ALA E 45 29.13 -3.48 1.32
N VAL E 46 28.45 -2.57 2.04
CA VAL E 46 28.94 -1.19 2.14
C VAL E 46 30.29 -1.13 2.83
N THR E 47 30.53 -1.91 3.90
CA THR E 47 31.85 -1.78 4.58
C THR E 47 32.93 -2.28 3.64
N ASP E 48 32.64 -3.34 2.92
CA ASP E 48 33.61 -3.85 1.91
C ASP E 48 34.02 -2.73 0.93
N LEU E 49 33.09 -1.94 0.38
CA LEU E 49 33.50 -0.92 -0.64
C LEU E 49 34.38 0.13 0.04
N MET E 50 33.98 0.56 1.24
CA MET E 50 34.88 1.49 1.97
C MET E 50 36.26 0.87 1.92
N VAL E 51 36.43 -0.33 2.50
CA VAL E 51 37.83 -0.87 2.54
C VAL E 51 38.37 -0.73 1.13
N SER E 52 37.77 -1.38 0.15
CA SER E 52 38.38 -1.34 -1.20
C SER E 52 38.88 0.06 -1.56
N VAL E 53 37.97 1.01 -1.81
CA VAL E 53 38.39 2.34 -2.30
C VAL E 53 39.45 2.99 -1.41
N LEU E 54 39.24 3.05 -0.10
CA LEU E 54 40.19 3.83 0.76
C LEU E 54 41.51 3.10 1.08
N VAL E 55 41.61 1.78 0.86
CA VAL E 55 42.83 1.05 1.33
C VAL E 55 43.49 0.27 0.19
N LEU E 56 42.69 -0.45 -0.60
CA LEU E 56 43.32 -1.27 -1.63
C LEU E 56 44.28 -0.50 -2.54
N PRO E 57 43.93 0.66 -3.12
CA PRO E 57 44.88 1.28 -4.07
C PRO E 57 46.18 1.72 -3.43
N MET E 58 46.12 2.23 -2.19
CA MET E 58 47.35 2.62 -1.53
C MET E 58 48.24 1.41 -1.25
N ALA E 59 47.63 0.29 -0.87
CA ALA E 59 48.41 -0.93 -0.67
C ALA E 59 49.03 -1.41 -1.98
N ALA E 60 48.29 -1.31 -3.08
CA ALA E 60 48.86 -1.67 -4.36
C ALA E 60 50.03 -0.76 -4.70
N LEU E 61 49.93 0.53 -4.37
CA LEU E 61 51.06 1.43 -4.57
C LEU E 61 52.26 0.99 -3.73
N TYR E 62 52.02 0.71 -2.45
CA TYR E 62 53.08 0.22 -1.57
C TYR E 62 53.74 -1.02 -2.14
N GLN E 63 52.98 -1.85 -2.85
CA GLN E 63 53.49 -3.10 -3.43
C GLN E 63 54.31 -2.86 -4.68
N VAL E 64 53.73 -2.18 -5.68
CA VAL E 64 54.42 -2.00 -6.96
C VAL E 64 55.63 -1.08 -6.80
N LEU E 65 55.44 0.05 -6.11
CA LEU E 65 56.52 0.98 -5.87
C LEU E 65 57.56 0.40 -4.92
N ASN E 66 57.19 -0.67 -4.19
CA ASN E 66 58.08 -1.47 -3.35
C ASN E 66 58.59 -0.72 -2.13
N LYS E 67 58.24 0.55 -1.98
CA LYS E 67 58.62 1.32 -0.79
C LYS E 67 57.46 2.21 -0.41
N TRP E 68 57.59 2.86 0.74
CA TRP E 68 56.63 3.85 1.20
C TRP E 68 57.22 5.23 0.98
N THR E 69 56.50 6.07 0.23
CA THR E 69 57.00 7.36 -0.21
C THR E 69 55.92 8.42 -0.05
N LEU E 70 55.14 8.33 1.00
CA LEU E 70 54.03 9.26 1.20
C LEU E 70 54.09 10.03 2.51
N GLY E 71 54.90 9.62 3.48
CA GLY E 71 55.03 10.38 4.70
C GLY E 71 54.43 9.66 5.90
N GLN E 72 54.86 10.08 7.08
CA GLN E 72 54.46 9.41 8.31
C GLN E 72 52.96 9.50 8.53
N VAL E 73 52.38 10.67 8.31
CA VAL E 73 50.94 10.86 8.53
C VAL E 73 50.15 9.96 7.58
N THR E 74 50.55 9.90 6.32
CA THR E 74 49.89 9.03 5.36
C THR E 74 50.01 7.57 5.77
N CYS E 75 51.18 7.15 6.24
CA CYS E 75 51.35 5.77 6.67
C CYS E 75 50.41 5.44 7.82
N ASP E 76 50.31 6.34 8.80
CA ASP E 76 49.42 6.08 9.92
C ASP E 76 47.96 6.04 9.47
N LEU E 77 47.58 6.91 8.54
CA LEU E 77 46.23 6.86 8.01
C LEU E 77 45.95 5.53 7.32
N PHE E 78 46.89 5.07 6.51
CA PHE E 78 46.71 3.82 5.78
C PHE E 78 46.56 2.64 6.75
N ILE E 79 47.54 2.49 7.64
CA ILE E 79 47.49 1.31 8.54
C ILE E 79 46.17 1.38 9.27
N ALA E 80 45.77 2.57 9.74
CA ALA E 80 44.54 2.67 10.55
C ALA E 80 43.31 2.22 9.75
N LEU E 81 43.10 2.79 8.57
CA LEU E 81 41.95 2.38 7.74
C LEU E 81 42.06 0.87 7.51
N ASP E 82 43.22 0.37 7.10
CA ASP E 82 43.36 -1.11 6.96
C ASP E 82 42.74 -1.78 8.19
N VAL E 83 43.35 -1.64 9.36
CA VAL E 83 42.84 -2.36 10.57
C VAL E 83 41.32 -2.20 10.64
N LEU E 84 40.80 -0.97 10.76
CA LEU E 84 39.33 -0.85 10.99
C LEU E 84 38.50 -1.58 9.92
N CYS E 85 38.72 -1.29 8.64
CA CYS E 85 37.83 -1.93 7.64
C CYS E 85 38.01 -3.44 7.69
N CYS E 86 39.23 -3.97 7.76
CA CYS E 86 39.36 -5.47 7.71
C CYS E 86 38.83 -6.15 9.00
N THR E 87 38.70 -5.40 10.10
CA THR E 87 38.15 -5.96 11.36
C THR E 87 36.64 -5.78 11.41
N SER E 88 36.06 -4.83 10.67
CA SER E 88 34.58 -4.77 10.64
C SER E 88 34.09 -5.60 9.46
N SER E 89 35.00 -6.00 8.60
CA SER E 89 34.54 -6.93 7.59
C SER E 89 34.52 -8.36 8.07
N ILE E 90 35.22 -8.68 9.15
CA ILE E 90 35.14 -10.03 9.76
C ILE E 90 33.83 -10.25 10.51
N TRP E 91 33.58 -9.44 11.55
CA TRP E 91 32.52 -9.74 12.52
C TRP E 91 31.12 -9.73 11.92
N HIS E 92 30.93 -9.17 10.73
CA HIS E 92 29.60 -9.22 10.14
C HIS E 92 29.18 -10.65 9.83
N LEU E 93 30.14 -11.54 9.54
CA LEU E 93 29.80 -12.92 9.28
C LEU E 93 29.20 -13.59 10.52
N CYS E 94 29.80 -13.37 11.68
CA CYS E 94 29.24 -13.94 12.89
C CYS E 94 27.93 -13.27 13.27
N ALA E 95 27.76 -11.99 12.93
CA ALA E 95 26.46 -11.35 13.15
C ALA E 95 25.36 -12.02 12.32
N ILE E 96 25.66 -12.29 11.05
CA ILE E 96 24.69 -12.99 10.19
C ILE E 96 24.38 -14.38 10.73
N ALA E 97 25.41 -15.10 11.19
CA ALA E 97 25.18 -16.42 11.76
C ALA E 97 24.25 -16.34 12.96
N LEU E 98 24.48 -15.34 13.82
CA LEU E 98 23.61 -15.17 14.98
C LEU E 98 22.16 -14.94 14.54
N ASP E 99 21.98 -14.14 13.49
CA ASP E 99 20.63 -13.91 12.98
C ASP E 99 19.96 -15.21 12.56
N ARG E 100 20.65 -16.01 11.74
CA ARG E 100 20.04 -17.25 11.26
C ARG E 100 19.74 -18.22 12.41
N TYR E 101 20.63 -18.28 13.40
CA TYR E 101 20.40 -19.15 14.54
C TYR E 101 19.16 -18.72 15.31
N TRP E 102 19.00 -17.42 15.53
CA TRP E 102 17.79 -16.98 16.23
C TRP E 102 16.55 -17.22 15.39
N ALA E 103 16.68 -17.25 14.07
CA ALA E 103 15.53 -17.58 13.24
C ALA E 103 15.14 -19.05 13.39
N ILE E 104 16.13 -19.94 13.53
CA ILE E 104 15.80 -21.36 13.49
C ILE E 104 15.46 -21.90 14.89
N THR E 105 16.04 -21.34 15.95
CA THR E 105 15.87 -21.97 17.25
C THR E 105 14.50 -21.70 17.86
N ASP E 106 13.88 -20.53 17.60
CA ASP E 106 12.59 -20.24 18.23
C ASP E 106 11.69 -19.40 17.34
N PRO E 107 10.67 -20.02 16.72
CA PRO E 107 9.80 -19.28 15.80
C PRO E 107 9.06 -18.13 16.45
N ILE E 108 8.70 -18.24 17.72
CA ILE E 108 7.86 -17.24 18.36
C ILE E 108 8.55 -15.89 18.36
N ASP E 109 9.87 -15.88 18.51
CA ASP E 109 10.61 -14.64 18.27
C ASP E 109 10.52 -14.21 16.82
N TYR E 110 10.60 -15.16 15.88
CA TYR E 110 10.63 -14.80 14.48
C TYR E 110 9.34 -14.14 14.03
N VAL E 111 8.22 -14.44 14.68
CA VAL E 111 6.94 -13.84 14.32
C VAL E 111 6.60 -12.69 15.25
N ASN E 112 6.52 -12.96 16.55
CA ASN E 112 5.93 -12.01 17.49
C ASN E 112 6.75 -10.73 17.59
N LYS E 113 8.08 -10.82 17.54
CA LYS E 113 8.90 -9.62 17.69
C LYS E 113 10.19 -9.77 16.87
N ARG E 114 10.25 -9.06 15.75
CA ARG E 114 11.48 -8.98 14.95
C ARG E 114 11.42 -7.65 14.19
N THR E 115 12.06 -6.63 14.73
CA THR E 115 11.96 -5.33 14.09
C THR E 115 13.27 -4.99 13.38
N PRO E 116 13.23 -4.13 12.35
CA PRO E 116 14.46 -3.77 11.65
C PRO E 116 15.42 -2.95 12.48
N ARG E 117 15.14 -2.78 13.77
CA ARG E 117 16.12 -2.14 14.65
C ARG E 117 17.30 -3.05 14.95
N ARG E 118 17.08 -4.37 14.94
CA ARG E 118 18.17 -5.28 15.26
C ARG E 118 19.30 -5.18 14.26
N ALA E 119 18.99 -4.99 12.98
CA ALA E 119 20.03 -4.83 11.97
C ALA E 119 20.93 -3.63 12.31
N ALA E 120 20.30 -2.50 12.64
CA ALA E 120 21.07 -1.33 13.02
C ALA E 120 21.91 -1.59 14.27
N ALA E 121 21.34 -2.27 15.27
CA ALA E 121 22.10 -2.55 16.48
C ALA E 121 23.34 -3.39 16.17
N LEU E 122 23.17 -4.44 15.36
CA LEU E 122 24.31 -5.30 15.05
C LEU E 122 25.36 -4.57 14.24
N ILE E 123 24.95 -3.77 13.25
CA ILE E 123 25.93 -3.05 12.44
C ILE E 123 26.72 -2.05 13.30
N SER E 124 26.00 -1.33 14.16
CA SER E 124 26.67 -0.41 15.06
C SER E 124 27.67 -1.14 15.94
N LEU E 125 27.29 -2.32 16.43
CA LEU E 125 28.19 -3.08 17.32
C LEU E 125 29.46 -3.50 16.58
N THR E 126 29.32 -3.97 15.34
CA THR E 126 30.50 -4.40 14.58
C THR E 126 31.44 -3.23 14.32
N TRP E 127 30.88 -2.08 13.91
CA TRP E 127 31.76 -0.93 13.70
C TRP E 127 32.36 -0.45 15.02
N LEU E 128 31.65 -0.66 16.13
CA LEU E 128 32.20 -0.34 17.45
C LEU E 128 33.44 -1.18 17.73
N ILE E 129 33.37 -2.48 17.42
CA ILE E 129 34.53 -3.34 17.61
C ILE E 129 35.69 -2.87 16.75
N GLY E 130 35.41 -2.50 15.51
CA GLY E 130 36.48 -1.98 14.66
C GLY E 130 37.14 -0.75 15.23
N PHE E 131 36.31 0.21 15.69
CA PHE E 131 36.85 1.41 16.33
C PHE E 131 37.72 1.06 17.52
N LEU E 132 37.26 0.12 18.35
CA LEU E 132 38.04 -0.24 19.54
C LEU E 132 39.39 -0.82 19.14
N ILE E 133 39.43 -1.65 18.10
CA ILE E 133 40.69 -2.28 17.73
C ILE E 133 41.67 -1.28 17.12
N SER E 134 41.19 -0.34 16.28
CA SER E 134 42.16 0.45 15.53
C SER E 134 42.73 1.65 16.28
N ILE E 135 42.12 2.09 17.38
CA ILE E 135 42.59 3.31 18.04
C ILE E 135 43.88 3.14 18.84
N PRO E 136 44.14 2.03 19.54
CA PRO E 136 45.32 1.97 20.43
C PRO E 136 46.63 2.28 19.72
N PRO E 137 46.87 1.79 18.48
CA PRO E 137 48.12 2.19 17.82
C PRO E 137 48.23 3.70 17.64
N MET E 138 47.11 4.37 17.37
CA MET E 138 47.14 5.82 17.22
C MET E 138 47.36 6.51 18.55
N LEU E 139 46.66 6.05 19.61
CA LEU E 139 46.82 6.67 20.92
C LEU E 139 48.21 6.43 21.48
N GLY E 140 48.74 5.23 21.30
CA GLY E 140 50.04 4.90 21.87
C GLY E 140 50.44 3.50 21.49
N TRP E 141 51.18 2.85 22.40
CA TRP E 141 51.59 1.46 22.24
C TRP E 141 52.44 1.24 20.99
N ARG E 142 52.77 2.32 20.28
CA ARG E 142 53.62 2.20 19.11
C ARG E 142 55.08 2.08 19.54
N THR E 143 55.84 1.26 18.83
CA THR E 143 57.24 1.12 19.14
C THR E 143 58.00 2.40 18.77
N PRO E 144 59.01 2.78 19.54
CA PRO E 144 59.86 3.91 19.14
C PRO E 144 60.84 3.57 18.02
N GLU E 145 60.68 2.42 17.37
CA GLU E 145 61.60 2.01 16.32
C GLU E 145 61.49 2.92 15.11
N ASP E 146 62.59 3.04 14.37
CA ASP E 146 62.61 3.87 13.17
C ASP E 146 61.65 3.32 12.13
N ARG E 147 60.87 4.23 11.53
CA ARG E 147 59.96 3.91 10.45
C ARG E 147 60.04 4.91 9.31
N SER E 148 60.93 5.90 9.39
CA SER E 148 61.02 6.91 8.34
C SER E 148 61.70 6.36 7.09
N ASP E 149 62.45 5.27 7.21
CA ASP E 149 63.07 4.66 6.05
C ASP E 149 61.99 4.13 5.10
N PRO E 150 62.28 4.09 3.80
CA PRO E 150 61.25 3.65 2.84
C PRO E 150 60.82 2.22 3.09
N ASP E 151 59.56 1.94 2.75
CA ASP E 151 58.93 0.62 2.90
C ASP E 151 58.87 0.18 4.36
N ALA E 152 58.76 1.11 5.30
CA ALA E 152 58.64 0.78 6.71
C ALA E 152 57.21 0.89 7.23
N CYS E 153 56.22 1.06 6.34
CA CYS E 153 54.83 1.24 6.76
C CYS E 153 54.25 -0.10 7.19
N THR E 154 54.78 -0.62 8.29
CA THR E 154 54.39 -1.90 8.83
C THR E 154 53.55 -1.72 10.09
N ILE E 155 53.17 -2.83 10.70
CA ILE E 155 52.31 -2.83 11.87
C ILE E 155 53.15 -3.12 13.09
N SER E 156 52.82 -2.46 14.21
CA SER E 156 53.56 -2.60 15.46
C SER E 156 53.83 -4.05 15.80
N LYS E 157 55.00 -4.34 16.36
CA LYS E 157 55.40 -5.71 16.67
C LYS E 157 55.52 -5.92 18.18
N ASP E 158 54.75 -5.17 18.96
CA ASP E 158 54.61 -5.47 20.37
C ASP E 158 53.99 -6.85 20.53
N HIS E 159 54.55 -7.66 21.44
CA HIS E 159 53.95 -8.96 21.72
C HIS E 159 52.52 -8.82 22.23
N GLY E 160 52.31 -7.93 23.21
CA GLY E 160 50.98 -7.79 23.79
C GLY E 160 49.95 -7.34 22.78
N TYR E 161 50.29 -6.33 21.97
CA TYR E 161 49.35 -5.91 20.94
C TYR E 161 49.13 -7.02 19.90
N THR E 162 50.18 -7.70 19.47
CA THR E 162 50.04 -8.70 18.43
C THR E 162 49.39 -9.99 18.91
N ILE E 163 49.15 -10.15 20.22
CA ILE E 163 48.32 -11.24 20.73
C ILE E 163 46.89 -10.76 20.99
N TYR E 164 46.74 -9.57 21.58
CA TYR E 164 45.42 -9.04 21.88
C TYR E 164 44.62 -8.78 20.62
N SER E 165 45.23 -8.14 19.62
CA SER E 165 44.54 -7.89 18.37
C SER E 165 44.18 -9.19 17.68
N THR E 166 45.12 -10.14 17.62
CA THR E 166 44.86 -11.39 16.93
C THR E 166 43.70 -12.15 17.55
N PHE E 167 43.70 -12.33 18.88
CA PHE E 167 42.54 -12.94 19.52
C PHE E 167 41.29 -12.14 19.22
N GLY E 168 41.18 -10.92 19.76
CA GLY E 168 39.95 -10.18 19.72
C GLY E 168 39.46 -9.83 18.32
N ALA E 169 40.25 -10.08 17.29
CA ALA E 169 39.83 -9.79 15.94
C ALA E 169 39.59 -11.02 15.09
N PHE E 170 40.23 -12.15 15.38
CA PHE E 170 39.96 -13.27 14.49
C PHE E 170 39.59 -14.55 15.24
N TYR E 171 40.10 -14.74 16.45
CA TYR E 171 39.91 -16.07 17.00
C TYR E 171 38.56 -16.22 17.68
N ILE E 172 38.14 -15.23 18.47
CA ILE E 172 36.78 -15.27 19.03
C ILE E 172 35.72 -15.44 17.96
N PRO E 173 35.77 -14.74 16.82
CA PRO E 173 34.81 -15.07 15.77
C PRO E 173 34.89 -16.50 15.30
N LEU E 174 36.08 -17.12 15.33
CA LEU E 174 36.16 -18.51 14.90
C LEU E 174 35.32 -19.42 15.81
N LEU E 175 35.47 -19.26 17.13
CA LEU E 175 34.68 -20.06 18.06
C LEU E 175 33.20 -19.74 17.96
N LEU E 176 32.85 -18.45 17.85
CA LEU E 176 31.44 -18.08 17.77
C LEU E 176 30.78 -18.71 16.56
N MET E 177 31.43 -18.62 15.39
CA MET E 177 30.86 -19.22 14.20
C MET E 177 30.81 -20.74 14.31
N LEU E 178 31.87 -21.35 14.87
CA LEU E 178 31.86 -22.80 15.05
C LEU E 178 30.66 -23.25 15.86
N VAL E 179 30.47 -22.65 17.03
CA VAL E 179 29.41 -23.07 17.95
C VAL E 179 28.03 -22.82 17.36
N LEU E 180 27.81 -21.59 16.86
CA LEU E 180 26.47 -21.25 16.38
C LEU E 180 26.09 -22.07 15.16
N TYR E 181 27.00 -22.24 14.21
CA TYR E 181 26.63 -23.04 13.06
C TYR E 181 26.60 -24.53 13.38
N GLY E 182 27.31 -24.98 14.41
CA GLY E 182 27.13 -26.36 14.84
C GLY E 182 25.75 -26.63 15.41
N ARG E 183 25.25 -25.73 16.25
CA ARG E 183 23.90 -25.90 16.78
C ARG E 183 22.86 -25.83 15.66
N ILE E 184 23.03 -24.90 14.71
CA ILE E 184 22.12 -24.85 13.58
C ILE E 184 22.18 -26.16 12.79
N PHE E 185 23.37 -26.75 12.67
CA PHE E 185 23.48 -28.03 11.99
C PHE E 185 22.70 -29.11 12.73
N ARG E 186 22.80 -29.14 14.06
CA ARG E 186 22.09 -30.16 14.84
C ARG E 186 20.59 -30.02 14.67
N ALA E 187 20.06 -28.79 14.77
CA ALA E 187 18.63 -28.58 14.60
C ALA E 187 18.17 -28.97 13.19
N ALA E 188 18.92 -28.53 12.18
CA ALA E 188 18.53 -28.84 10.81
C ALA E 188 18.61 -30.32 10.52
N ARG E 189 19.49 -31.04 11.20
CA ARG E 189 19.50 -32.50 11.08
C ARG E 189 18.32 -33.13 11.80
N PHE E 190 17.91 -32.55 12.93
CA PHE E 190 16.78 -33.10 13.65
C PHE E 190 15.48 -32.97 12.87
N ARG E 191 15.28 -31.84 12.18
CA ARG E 191 14.00 -31.66 11.49
C ARG E 191 13.83 -32.65 10.34
N ILE E 192 14.88 -32.93 9.58
CA ILE E 192 14.72 -33.81 8.43
C ILE E 192 14.42 -35.24 8.88
N ARG E 193 15.02 -35.69 9.98
CA ARG E 193 14.79 -37.05 10.43
C ARG E 193 13.36 -37.25 10.91
N LYS E 194 12.85 -36.30 11.69
CA LYS E 194 11.52 -36.40 12.25
C LYS E 194 10.45 -36.22 11.19
N LYS E 290 1.97 -47.63 -4.00
CA LYS E 290 1.22 -47.40 -2.78
C LYS E 290 2.04 -46.65 -1.74
N ASN E 291 1.80 -46.94 -0.46
CA ASN E 291 2.51 -46.24 0.61
C ASN E 291 4.02 -46.52 0.54
N GLU E 292 4.43 -47.60 -0.12
CA GLU E 292 5.85 -47.87 -0.30
C GLU E 292 6.50 -46.77 -1.12
N ARG E 293 5.82 -46.29 -2.16
CA ARG E 293 6.36 -45.19 -2.95
C ARG E 293 6.39 -43.89 -2.15
N ASN E 294 5.44 -43.70 -1.24
CA ASN E 294 5.50 -42.57 -0.31
C ASN E 294 6.76 -42.66 0.54
N ALA E 295 7.06 -43.85 1.06
CA ALA E 295 8.28 -44.03 1.83
C ALA E 295 9.52 -43.75 0.99
N GLU E 296 9.52 -44.24 -0.26
CA GLU E 296 10.68 -44.04 -1.13
C GLU E 296 10.92 -42.56 -1.40
N ALA E 297 9.83 -41.82 -1.65
CA ALA E 297 9.94 -40.38 -1.81
C ALA E 297 10.52 -39.74 -0.56
N LYS E 298 10.04 -40.18 0.61
CA LYS E 298 10.54 -39.62 1.86
C LYS E 298 12.05 -39.85 1.99
N ARG E 299 12.51 -41.07 1.72
CA ARG E 299 13.94 -41.35 1.83
C ARG E 299 14.76 -40.51 0.88
N LYS E 300 14.38 -40.46 -0.40
CA LYS E 300 15.24 -39.73 -1.35
C LYS E 300 15.22 -38.23 -1.06
N MET E 301 14.06 -37.71 -0.64
CA MET E 301 14.01 -36.32 -0.22
C MET E 301 14.96 -36.07 0.95
N ALA E 302 14.95 -36.97 1.93
CA ALA E 302 15.82 -36.81 3.09
C ALA E 302 17.30 -36.87 2.69
N LEU E 303 17.65 -37.76 1.76
CA LEU E 303 19.02 -37.81 1.27
C LEU E 303 19.43 -36.52 0.60
N ALA E 304 18.51 -35.89 -0.15
CA ALA E 304 18.84 -34.59 -0.74
C ALA E 304 19.09 -33.53 0.34
N ARG E 305 18.19 -33.46 1.33
CA ARG E 305 18.26 -32.38 2.30
C ARG E 305 19.35 -32.58 3.35
N GLU E 306 19.81 -33.81 3.57
CA GLU E 306 20.93 -34.02 4.47
C GLU E 306 22.28 -33.78 3.81
N ARG E 307 22.30 -33.60 2.49
CA ARG E 307 23.53 -33.30 1.76
C ARG E 307 23.65 -31.81 1.48
N LYS E 308 22.53 -31.16 1.14
CA LYS E 308 22.59 -29.74 0.82
C LYS E 308 23.05 -28.92 2.02
N THR E 309 22.59 -29.27 3.22
CA THR E 309 23.03 -28.54 4.41
C THR E 309 24.52 -28.70 4.63
N VAL E 310 25.04 -29.91 4.42
CA VAL E 310 26.49 -30.10 4.54
C VAL E 310 27.22 -29.20 3.58
N LYS E 311 26.77 -29.17 2.32
CA LYS E 311 27.47 -28.38 1.32
C LYS E 311 27.48 -26.90 1.70
N THR E 312 26.33 -26.35 2.06
CA THR E 312 26.26 -24.92 2.36
C THR E 312 27.08 -24.57 3.59
N LEU E 313 26.89 -25.28 4.69
CA LEU E 313 27.62 -24.96 5.90
C LEU E 313 29.12 -25.12 5.68
N GLY E 314 29.51 -26.15 4.91
CA GLY E 314 30.92 -26.33 4.61
C GLY E 314 31.50 -25.18 3.82
N ILE E 315 30.80 -24.71 2.79
CA ILE E 315 31.37 -23.65 1.96
C ILE E 315 31.54 -22.37 2.77
N ILE E 316 30.53 -22.00 3.57
CA ILE E 316 30.67 -20.80 4.37
C ILE E 316 31.85 -20.93 5.33
N MET E 317 31.91 -22.03 6.07
CA MET E 317 32.97 -22.20 7.06
C MET E 317 34.35 -22.24 6.40
N GLY E 318 34.46 -22.99 5.30
CA GLY E 318 35.74 -23.14 4.65
C GLY E 318 36.28 -21.84 4.10
N THR E 319 35.41 -21.04 3.46
CA THR E 319 35.88 -19.75 2.98
C THR E 319 36.32 -18.85 4.12
N PHE E 320 35.51 -18.74 5.18
CA PHE E 320 35.89 -17.81 6.23
C PHE E 320 37.17 -18.24 6.94
N ILE E 321 37.44 -19.53 7.02
CA ILE E 321 38.68 -19.94 7.69
C ILE E 321 39.89 -19.86 6.76
N LEU E 322 39.75 -20.33 5.51
CA LEU E 322 40.89 -20.33 4.59
C LEU E 322 41.32 -18.93 4.20
N CYS E 323 40.39 -17.98 4.09
CA CYS E 323 40.79 -16.66 3.63
C CYS E 323 41.39 -15.79 4.74
N TRP E 324 41.40 -16.24 5.99
CA TRP E 324 42.17 -15.50 6.99
C TRP E 324 43.22 -16.32 7.72
N LEU E 325 42.90 -17.52 8.20
CA LEU E 325 43.71 -18.13 9.25
C LEU E 325 45.20 -18.17 8.94
N PRO E 326 45.66 -18.48 7.72
CA PRO E 326 47.10 -18.42 7.47
C PRO E 326 47.71 -17.08 7.81
N PHE E 327 47.04 -15.98 7.47
CA PHE E 327 47.61 -14.67 7.77
C PHE E 327 47.75 -14.47 9.26
N PHE E 328 46.75 -14.87 10.04
CA PHE E 328 46.84 -14.58 11.46
C PHE E 328 47.80 -15.51 12.18
N ILE E 329 47.91 -16.78 11.74
CA ILE E 329 48.92 -17.63 12.37
C ILE E 329 50.32 -17.12 12.03
N VAL E 330 50.51 -16.64 10.79
CA VAL E 330 51.79 -16.06 10.42
C VAL E 330 52.09 -14.83 11.27
N ALA E 331 51.11 -13.94 11.40
CA ALA E 331 51.32 -12.72 12.17
C ALA E 331 51.39 -12.97 13.66
N LEU E 332 51.01 -14.16 14.13
CA LEU E 332 51.08 -14.50 15.53
C LEU E 332 52.36 -15.24 15.90
N VAL E 333 52.98 -15.93 14.95
CA VAL E 333 54.20 -16.68 15.26
C VAL E 333 55.45 -15.82 15.11
N LEU E 334 55.53 -14.98 14.08
CA LEU E 334 56.79 -14.29 13.77
C LEU E 334 57.21 -13.30 14.86
N PRO E 335 56.35 -12.43 15.39
CA PRO E 335 56.80 -11.55 16.48
C PRO E 335 57.26 -12.31 17.71
N PHE E 336 56.83 -13.55 17.89
CA PHE E 336 57.15 -14.33 19.07
C PHE E 336 58.44 -15.09 18.83
N CYS E 337 59.45 -14.82 19.67
CA CYS E 337 60.70 -15.58 19.70
C CYS E 337 61.39 -15.56 18.33
N GLU E 338 61.30 -14.43 17.64
CA GLU E 338 61.91 -14.20 16.32
C GLU E 338 61.81 -15.43 15.43
N SER E 339 60.67 -16.11 15.46
CA SER E 339 60.51 -17.37 14.75
C SER E 339 60.65 -17.16 13.25
N SER E 340 61.37 -18.07 12.61
CA SER E 340 61.69 -17.97 11.17
C SER E 340 62.36 -16.64 10.87
N CYS E 341 63.57 -16.49 11.43
CA CYS E 341 64.35 -15.27 11.23
C CYS E 341 64.48 -14.95 9.76
N HIS E 342 64.73 -15.96 8.94
CA HIS E 342 64.75 -15.81 7.49
C HIS E 342 63.34 -16.10 6.97
N MET E 343 62.40 -15.22 7.32
CA MET E 343 61.02 -15.37 6.89
C MET E 343 60.89 -14.98 5.43
N PRO E 344 60.39 -15.85 4.55
CA PRO E 344 60.30 -15.51 3.13
C PRO E 344 59.21 -14.48 2.90
N THR E 345 59.62 -13.30 2.44
CA THR E 345 58.66 -12.22 2.20
C THR E 345 57.79 -12.49 0.98
N LEU E 346 58.30 -13.24 0.00
CA LEU E 346 57.47 -13.55 -1.16
C LEU E 346 56.24 -14.33 -0.75
N LEU E 347 56.38 -15.26 0.19
CA LEU E 347 55.20 -15.92 0.75
C LEU E 347 54.36 -14.94 1.55
N GLY E 348 55.00 -14.02 2.27
CA GLY E 348 54.26 -13.02 3.01
C GLY E 348 53.36 -12.17 2.13
N ALA E 349 53.73 -12.02 0.86
CA ALA E 349 52.88 -11.32 -0.10
C ALA E 349 51.52 -12.02 -0.23
N ILE E 350 51.54 -13.33 -0.44
CA ILE E 350 50.26 -14.05 -0.52
C ILE E 350 49.58 -14.06 0.84
N ILE E 351 50.37 -14.19 1.91
CA ILE E 351 49.83 -14.28 3.25
C ILE E 351 48.99 -13.06 3.58
N ASN E 352 49.47 -11.87 3.20
CA ASN E 352 48.71 -10.66 3.43
C ASN E 352 47.87 -10.22 2.24
N TRP E 353 47.91 -10.95 1.12
CA TRP E 353 46.92 -10.72 0.06
C TRP E 353 45.62 -11.48 0.27
N LEU E 354 45.65 -12.58 1.03
CA LEU E 354 44.39 -13.28 1.34
C LEU E 354 43.44 -12.37 2.12
N GLY E 355 43.95 -11.61 3.08
CA GLY E 355 43.08 -10.73 3.85
C GLY E 355 42.35 -9.72 2.98
N TYR E 356 43.04 -9.16 1.98
CA TYR E 356 42.37 -8.28 1.03
C TYR E 356 41.45 -9.06 0.12
N SER E 357 41.86 -10.24 -0.33
CA SER E 357 41.06 -11.03 -1.26
C SER E 357 39.71 -11.41 -0.65
N ASN E 358 39.64 -11.43 0.68
CA ASN E 358 38.33 -11.68 1.30
C ASN E 358 37.30 -10.65 0.87
N SER E 359 37.72 -9.43 0.59
CA SER E 359 36.77 -8.42 0.11
C SER E 359 36.12 -8.85 -1.19
N LEU E 360 36.92 -9.34 -2.14
CA LEU E 360 36.35 -9.79 -3.40
C LEU E 360 35.49 -11.04 -3.20
N LEU E 361 35.91 -11.94 -2.29
CA LEU E 361 35.21 -13.22 -2.16
C LEU E 361 33.89 -13.10 -1.39
N ASN E 362 33.81 -12.19 -0.42
CA ASN E 362 32.66 -12.16 0.47
C ASN E 362 31.33 -11.97 -0.24
N PRO E 363 31.15 -11.01 -1.16
CA PRO E 363 29.80 -10.79 -1.71
C PRO E 363 29.25 -11.99 -2.46
N VAL E 364 30.11 -12.88 -2.96
CA VAL E 364 29.63 -13.95 -3.81
C VAL E 364 28.79 -14.95 -3.02
N ILE E 365 29.27 -15.33 -1.83
CA ILE E 365 28.59 -16.42 -1.10
C ILE E 365 27.29 -15.94 -0.47
N TYR E 366 27.28 -14.72 0.07
CA TYR E 366 26.12 -14.24 0.82
C TYR E 366 25.05 -13.60 -0.04
N ALA E 367 25.41 -12.94 -1.12
CA ALA E 367 24.46 -12.18 -1.93
C ALA E 367 24.16 -12.84 -3.27
N TYR E 368 25.17 -13.29 -3.99
CA TYR E 368 24.91 -13.88 -5.29
C TYR E 368 24.55 -15.36 -5.20
N PHE E 369 23.68 -15.72 -4.26
CA PHE E 369 23.06 -17.05 -4.28
C PHE E 369 21.59 -16.95 -3.90
N ASN E 370 21.22 -15.90 -3.17
CA ASN E 370 19.83 -15.72 -2.78
C ASN E 370 18.97 -15.55 -4.02
N LYS E 371 17.90 -16.35 -4.11
CA LYS E 371 17.10 -16.37 -5.32
C LYS E 371 16.46 -15.01 -5.57
N ASP E 372 16.08 -14.33 -4.49
CA ASP E 372 15.48 -13.01 -4.62
C ASP E 372 16.45 -12.02 -5.27
N PHE E 373 17.75 -12.06 -4.89
CA PHE E 373 18.72 -11.23 -5.59
C PHE E 373 18.92 -11.64 -7.04
N GLN E 374 18.92 -12.93 -7.33
CA GLN E 374 19.06 -13.32 -8.73
C GLN E 374 17.92 -12.75 -9.56
N ASN E 375 16.68 -12.89 -9.05
CA ASN E 375 15.54 -12.37 -9.78
C ASN E 375 15.58 -10.84 -9.90
N ALA E 376 15.97 -10.15 -8.83
CA ALA E 376 16.06 -8.69 -8.91
C ALA E 376 17.14 -8.25 -9.89
N PHE E 377 18.27 -8.94 -9.92
CA PHE E 377 19.32 -8.61 -10.87
C PHE E 377 18.85 -8.81 -12.29
N LYS E 378 18.12 -9.91 -12.54
CA LYS E 378 17.56 -10.13 -13.87
C LYS E 378 16.57 -9.02 -14.22
N LYS E 379 15.77 -8.59 -13.25
CA LYS E 379 14.77 -7.56 -13.51
C LYS E 379 15.41 -6.22 -13.84
N ILE E 380 16.31 -5.74 -12.98
CA ILE E 380 16.84 -4.39 -13.10
C ILE E 380 17.85 -4.28 -14.24
N ILE E 381 18.40 -5.40 -14.69
CA ILE E 381 19.27 -5.41 -15.87
C ILE E 381 18.40 -5.47 -17.12
C1 UJL F . 45.63 -7.13 6.71
C2 UJL F . 43.99 -6.92 8.54
C3 UJL F . 44.83 -6.41 9.70
C4 UJL F . 46.85 -6.72 10.88
C5 UJL F . 46.25 -7.32 12.13
C6 UJL F . 44.77 -7.06 12.15
C7 UJL F . 43.88 -7.19 13.25
C8 UJL F . 42.61 -6.88 12.92
C9 UJL F . 44.14 -6.66 11.02
N1 UJL F . 44.41 -6.48 7.21
O1 UJL F . 46.10 -7.05 9.71
S1 UJL F . 42.45 -6.45 11.26
#